data_6YGD
#
_entry.id   6YGD
#
_cell.length_a   48.136
_cell.length_b   134.927
_cell.length_c   165.740
_cell.angle_alpha   90.000
_cell.angle_beta   90.000
_cell.angle_gamma   90.000
#
_symmetry.space_group_name_H-M   'P 21 21 21'
#
loop_
_entity.id
_entity.type
_entity.pdbx_description
1 polymer 'N-alpha-acetyltransferase 30'
2 polymer 'N-alpha-acetyltransferase 35, NatC auxiliary subunit'
3 polymer 'N-alpha-acetyltransferase 38, NatC auxiliary subunit'
4 polymer 'Major capsid protein'
5 non-polymer 'COENZYME A'
6 non-polymer 'CHLORIDE ION'
7 non-polymer 'IODIDE ION'
8 non-polymer 1,2-ETHANEDIOL
9 water water
#
loop_
_entity_poly.entity_id
_entity_poly.type
_entity_poly.pdbx_seq_one_letter_code
_entity_poly.pdbx_strand_id
1 'polypeptide(L)'
;MEIVYKPLDIRNEEQFASIKKLIDADLSEPYSIYVYRYFLNQWPELTYIAVDNKSGTPNIPIGCIVCKMDPHRNVRLRGY
IGMLAVESTYRGHGIAKKLVEIAIDKMQREHCDEIMLETEVENSAALNLYEGMGFIRMKRMFRYYLNEGDAFKLILPLT
;
A
2 'polypeptide(L)'
;GPMEVDSILGSLSITDDFDQLVDVTSLFDELCSKLKPEAIVKDPRFDLFEGTHSLEVNNSKLDSSLIELTAEEIEFDVNV
AYDPPLASVAAIADRLLRCVISWLNDYQTLPTTVLSCRYTESLLSSLVKGTTAGSSWCTGNILYDKVLGSCILGVCYLTK
FVQKLLSAGIVFEEEDLNFNNMGFNTFDNLPGQDVVINSLTESLQILEAYSDDSLHLTMLKHILKIIICLVHLEDHLTDY
STKTSHLDELIENANSVNGIFPQLQLSPPKGAFSTYIQKHRSNQFPPRKITKLPTDYSGFITLANDVKTILLVDKAESAL
ETYQFAKFFNKLEQRHVIARILFPLFFIRDDRTVLGKFSYTQFYLLHVKEFSAQTPSEFESSIGNELIQESSNMLLEWYQ
NCSQNTCRYRQGFNRQLILWDSLQAQFESVNSQVYCSWTYFMKLSSMIEFSLKGFDLDIYKPFEAYSMFWYVYYLSHHLE
TFLKDSQNDIESNINAIHSMNKKLKKLKAGEKKDQLRLKYRFAMDNEMEQLQATKQFLNYLLKEINITKSLCLIEVFQFA
ILKSFGLIDNKNSTPSKFSNERLIHNLRFKPFNSIGVPELPEYEVFQQTLKDFVIEEKGAAFDIKLERATNFIETEVRNV
VSSIDEIMQGIKGGDNNGVLVTGTRLVQELSLEYYCKLKHTSKALSVNSKVIVNTLKKNIKNKDSHEYKVELVHTTEGWN
YFPIQTLRIKQDRYK
;
B
3 'polypeptide(L)' MDILKLSDFIGNTLIVSLTEDRILVGSLVAVDAQMNLLLDHVEERMGSSSRMMGLVSVPRRSVKTIMIDKPVLQELT C
4 'polypeptide(L)' MLRFVGSRRR D
#
loop_
_chem_comp.id
_chem_comp.type
_chem_comp.name
_chem_comp.formula
CL non-polymer 'CHLORIDE ION' 'Cl -1'
COA non-polymer 'COENZYME A' 'C21 H36 N7 O16 P3 S'
EDO non-polymer 1,2-ETHANEDIOL 'C2 H6 O2'
IOD non-polymer 'IODIDE ION' 'I -1'
#
# COMPACT_ATOMS: atom_id res chain seq x y z
N MET A 1 37.10 21.04 -11.14
CA MET A 1 36.40 20.43 -10.02
C MET A 1 37.36 19.65 -9.13
N GLU A 2 37.33 19.94 -7.83
CA GLU A 2 38.19 19.27 -6.85
C GLU A 2 37.32 18.95 -5.63
N ILE A 3 36.77 17.75 -5.59
CA ILE A 3 35.79 17.38 -4.58
C ILE A 3 36.51 16.86 -3.34
N VAL A 4 36.15 17.43 -2.19
CA VAL A 4 36.73 17.07 -0.90
C VAL A 4 35.61 16.53 -0.02
N TYR A 5 35.87 15.42 0.65
CA TYR A 5 34.91 14.76 1.52
C TYR A 5 35.37 14.87 2.97
N LYS A 6 34.51 15.36 3.83
CA LYS A 6 34.85 15.57 5.23
C LYS A 6 33.60 15.40 6.07
N PRO A 7 33.74 15.07 7.36
CA PRO A 7 32.57 14.95 8.23
C PRO A 7 31.93 16.30 8.49
N LEU A 8 30.67 16.26 8.92
CA LEU A 8 29.95 17.47 9.27
C LEU A 8 30.54 18.11 10.52
N ASP A 9 30.65 19.43 10.52
CA ASP A 9 31.06 20.20 11.68
C ASP A 9 29.82 20.77 12.35
N ILE A 10 29.52 20.28 13.56
CA ILE A 10 28.25 20.60 14.18
C ILE A 10 28.17 22.07 14.60
N ARG A 11 29.31 22.69 14.90
CA ARG A 11 29.29 24.09 15.34
C ARG A 11 29.10 25.05 14.18
N ASN A 12 29.50 24.66 12.98
CA ASN A 12 29.41 25.54 11.81
C ASN A 12 27.95 25.75 11.43
N GLU A 13 27.52 27.02 11.39
CA GLU A 13 26.13 27.32 11.01
C GLU A 13 25.92 27.18 9.51
N GLU A 14 26.90 27.59 8.72
CA GLU A 14 26.75 27.60 7.26
C GLU A 14 26.65 26.19 6.71
N GLN A 15 27.45 25.26 7.22
CA GLN A 15 27.30 23.86 6.82
C GLN A 15 25.88 23.37 7.09
N PHE A 16 25.36 23.65 8.29
CA PHE A 16 24.00 23.26 8.62
C PHE A 16 22.99 23.88 7.65
N ALA A 17 23.10 25.19 7.41
CA ALA A 17 22.15 25.86 6.54
C ALA A 17 22.28 25.37 5.10
N SER A 18 23.51 25.12 4.63
CA SER A 18 23.71 24.66 3.26
C SER A 18 23.16 23.26 3.06
N ILE A 19 23.34 22.39 4.05
CA ILE A 19 22.80 21.04 3.97
C ILE A 19 21.28 21.10 3.83
N LYS A 20 20.63 21.86 4.71
CA LYS A 20 19.18 21.94 4.71
C LYS A 20 18.65 22.49 3.38
N LYS A 21 19.26 23.57 2.89
CA LYS A 21 18.81 24.14 1.62
C LYS A 21 19.04 23.18 0.46
N LEU A 22 20.18 22.48 0.46
CA LEU A 22 20.48 21.49 -0.56
C LEU A 22 19.42 20.38 -0.56
N ILE A 23 19.12 19.83 0.62
CA ILE A 23 18.21 18.71 0.74
C ILE A 23 16.77 19.13 0.42
N ASP A 24 16.40 20.35 0.83
CA ASP A 24 15.01 20.78 0.66
C ASP A 24 14.65 20.91 -0.82
N ALA A 25 15.57 21.43 -1.64
CA ALA A 25 15.25 21.60 -3.04
C ALA A 25 15.22 20.26 -3.77
N ASP A 26 16.20 19.39 -3.51
CA ASP A 26 16.34 18.14 -4.24
C ASP A 26 15.37 17.06 -3.76
N LEU A 27 15.06 17.01 -2.47
CA LEU A 27 14.14 16.00 -1.96
C LEU A 27 12.72 16.55 -1.93
N SER A 28 11.76 15.67 -2.24
CA SER A 28 10.36 16.04 -2.30
C SER A 28 9.68 16.05 -0.94
N GLU A 29 10.01 15.10 -0.07
CA GLU A 29 9.43 15.10 1.26
C GLU A 29 9.94 16.30 2.05
N PRO A 30 9.05 17.11 2.65
CA PRO A 30 9.50 18.32 3.35
C PRO A 30 10.03 18.00 4.74
N TYR A 31 11.07 18.72 5.14
CA TYR A 31 11.69 18.53 6.44
C TYR A 31 11.78 19.85 7.18
N SER A 32 11.45 19.85 8.47
CA SER A 32 11.65 21.03 9.30
C SER A 32 13.06 21.02 9.89
N ILE A 33 13.40 22.09 10.60
CA ILE A 33 14.71 22.19 11.24
C ILE A 33 14.93 21.03 12.19
N TYR A 34 13.87 20.58 12.89
CA TYR A 34 14.03 19.55 13.90
C TYR A 34 14.15 18.15 13.32
N VAL A 35 13.83 17.96 12.04
CA VAL A 35 14.20 16.72 11.38
C VAL A 35 15.72 16.63 11.27
N TYR A 36 16.34 17.67 10.72
CA TYR A 36 17.80 17.72 10.67
C TYR A 36 18.40 17.75 12.06
N ARG A 37 17.73 18.42 13.00
CA ARG A 37 18.25 18.51 14.36
C ARG A 37 18.26 17.14 15.03
N TYR A 38 17.28 16.29 14.71
CA TYR A 38 17.25 14.94 15.28
C TYR A 38 18.41 14.10 14.77
N PHE A 39 18.76 14.24 13.48
CA PHE A 39 19.87 13.47 12.92
C PHE A 39 21.21 14.04 13.34
N LEU A 40 21.41 15.33 13.14
CA LEU A 40 22.77 15.90 13.19
C LEU A 40 23.27 16.04 14.62
N ASN A 41 22.39 16.44 15.56
CA ASN A 41 22.84 16.64 16.93
C ASN A 41 23.08 15.32 17.65
N GLN A 42 22.39 14.25 17.25
CA GLN A 42 22.55 12.97 17.92
C GLN A 42 23.54 12.05 17.23
N TRP A 43 23.66 12.13 15.89
CA TRP A 43 24.67 11.37 15.14
C TRP A 43 25.47 12.34 14.28
N PRO A 44 26.27 13.22 14.89
CA PRO A 44 27.08 14.14 14.09
C PRO A 44 28.18 13.45 13.31
N GLU A 45 28.60 12.26 13.73
CA GLU A 45 29.60 11.47 13.02
C GLU A 45 29.05 10.77 11.80
N LEU A 46 27.72 10.75 11.62
CA LEU A 46 27.08 10.01 10.53
C LEU A 46 26.53 10.94 9.45
N THR A 47 27.07 12.15 9.34
CA THR A 47 26.71 13.06 8.27
C THR A 47 27.98 13.54 7.60
N TYR A 48 28.02 13.45 6.28
CA TYR A 48 29.18 13.86 5.50
C TYR A 48 28.75 14.82 4.41
N ILE A 49 29.66 15.73 4.06
CA ILE A 49 29.42 16.70 3.02
C ILE A 49 30.52 16.58 1.98
N ALA A 50 30.19 16.98 0.76
CA ALA A 50 31.15 17.09 -0.34
C ALA A 50 31.25 18.55 -0.75
N VAL A 51 32.45 19.10 -0.70
CA VAL A 51 32.69 20.47 -1.10
C VAL A 51 33.60 20.47 -2.33
N ASP A 52 33.53 21.55 -3.11
CA ASP A 52 34.36 21.72 -4.29
C ASP A 52 35.45 22.72 -3.98
N ASN A 53 36.70 22.26 -3.97
CA ASN A 53 37.81 23.11 -3.55
C ASN A 53 38.06 24.23 -4.56
N LYS A 54 37.85 23.95 -5.84
CA LYS A 54 38.06 24.93 -6.90
C LYS A 54 36.82 25.76 -7.20
N SER A 55 35.75 25.61 -6.42
CA SER A 55 34.51 26.32 -6.67
C SER A 55 34.63 27.79 -6.26
N GLY A 56 33.59 28.56 -6.58
CA GLY A 56 33.55 29.95 -6.18
C GLY A 56 33.41 30.13 -4.68
N THR A 57 32.74 29.21 -4.03
CA THR A 57 32.62 29.18 -2.57
C THR A 57 32.98 27.77 -2.10
N PRO A 58 34.26 27.53 -1.83
CA PRO A 58 34.71 26.17 -1.47
C PRO A 58 34.06 25.62 -0.21
N ASN A 59 33.70 26.49 0.74
CA ASN A 59 33.10 26.02 1.98
C ASN A 59 31.73 25.39 1.74
N ILE A 60 30.97 25.92 0.79
CA ILE A 60 29.59 25.45 0.59
C ILE A 60 29.62 24.00 0.10
N PRO A 61 28.91 23.08 0.76
CA PRO A 61 28.89 21.69 0.31
C PRO A 61 27.89 21.41 -0.80
N ILE A 62 28.38 20.85 -1.90
CA ILE A 62 27.53 20.53 -3.05
C ILE A 62 26.81 19.19 -2.90
N GLY A 63 27.32 18.31 -2.06
CA GLY A 63 26.66 17.06 -1.78
C GLY A 63 26.68 16.78 -0.30
N CYS A 64 25.67 16.04 0.16
CA CYS A 64 25.62 15.66 1.56
C CYS A 64 24.88 14.35 1.71
N ILE A 65 25.15 13.66 2.81
CA ILE A 65 24.44 12.42 3.16
C ILE A 65 24.20 12.41 4.66
N VAL A 66 22.96 12.12 5.06
CA VAL A 66 22.56 12.18 6.46
C VAL A 66 22.13 10.80 6.91
N CYS A 67 22.76 10.30 7.97
CA CYS A 67 22.53 8.94 8.43
C CYS A 67 22.29 8.90 9.93
N LYS A 68 21.95 7.70 10.40
CA LYS A 68 21.75 7.44 11.82
C LYS A 68 21.92 5.95 12.04
N MET A 69 21.96 5.55 13.32
CA MET A 69 22.01 4.15 13.67
C MET A 69 21.32 3.94 15.01
N ASP A 70 20.60 2.84 15.12
CA ASP A 70 19.90 2.46 16.34
C ASP A 70 19.84 0.93 16.37
N PRO A 71 19.66 0.35 17.56
CA PRO A 71 19.45 -1.10 17.61
C PRO A 71 18.11 -1.47 16.99
N HIS A 72 18.14 -2.42 16.06
CA HIS A 72 16.92 -2.96 15.50
C HIS A 72 16.57 -4.22 16.26
N ARG A 73 15.29 -4.36 16.62
CA ARG A 73 14.84 -5.38 17.56
C ARG A 73 15.65 -5.22 18.85
N ASN A 74 16.48 -6.22 19.17
CA ASN A 74 17.33 -6.16 20.35
C ASN A 74 18.77 -6.55 20.07
N VAL A 75 19.04 -7.34 19.04
CA VAL A 75 20.32 -8.01 18.90
C VAL A 75 21.13 -7.47 17.74
N ARG A 76 20.61 -6.51 16.98
CA ARG A 76 21.31 -6.02 15.80
C ARG A 76 21.32 -4.51 15.77
N LEU A 77 22.41 -3.93 15.26
CA LEU A 77 22.53 -2.50 15.05
C LEU A 77 22.22 -2.20 13.60
N ARG A 78 21.25 -1.32 13.37
CA ARG A 78 20.76 -1.00 12.03
C ARG A 78 21.13 0.43 11.68
N GLY A 79 22.05 0.58 10.74
CA GLY A 79 22.33 1.89 10.18
C GLY A 79 21.23 2.30 9.23
N TYR A 80 21.00 3.62 9.16
CA TYR A 80 19.91 4.13 8.34
C TYR A 80 20.37 5.39 7.62
N ILE A 81 20.13 5.42 6.32
CA ILE A 81 20.43 6.58 5.48
C ILE A 81 19.15 7.37 5.31
N GLY A 82 19.08 8.54 5.93
CA GLY A 82 17.90 9.37 5.89
C GLY A 82 17.79 10.27 4.68
N MET A 83 18.86 10.98 4.34
CA MET A 83 18.86 11.89 3.20
C MET A 83 20.19 11.79 2.46
N LEU A 84 20.12 11.97 1.14
CA LEU A 84 21.28 12.02 0.27
C LEU A 84 20.94 12.93 -0.90
N ALA A 85 21.80 13.90 -1.19
CA ALA A 85 21.53 14.86 -2.24
C ALA A 85 22.84 15.38 -2.80
N VAL A 86 22.84 15.64 -4.10
CA VAL A 86 23.98 16.23 -4.80
C VAL A 86 23.44 17.33 -5.69
N GLU A 87 24.15 18.47 -5.74
CA GLU A 87 23.76 19.58 -6.60
C GLU A 87 23.60 19.12 -8.04
N SER A 88 22.62 19.71 -8.73
CA SER A 88 22.34 19.34 -10.11
C SER A 88 23.55 19.53 -11.02
N THR A 89 24.36 20.54 -10.76
CA THR A 89 25.53 20.81 -11.58
C THR A 89 26.70 19.90 -11.26
N TYR A 90 26.61 19.07 -10.21
CA TYR A 90 27.68 18.18 -9.81
C TYR A 90 27.32 16.71 -9.95
N ARG A 91 26.19 16.39 -10.54
CA ARG A 91 25.76 15.01 -10.67
C ARG A 91 26.46 14.32 -11.83
N GLY A 92 26.57 13.00 -11.73
CA GLY A 92 27.26 12.21 -12.74
C GLY A 92 28.75 12.12 -12.57
N HIS A 93 29.29 12.52 -11.41
CA HIS A 93 30.72 12.52 -11.17
C HIS A 93 31.14 11.59 -10.04
N GLY A 94 30.26 10.70 -9.58
CA GLY A 94 30.64 9.77 -8.54
C GLY A 94 30.68 10.34 -7.14
N ILE A 95 30.10 11.52 -6.94
CA ILE A 95 30.15 12.16 -5.63
C ILE A 95 29.19 11.48 -4.66
N ALA A 96 27.95 11.25 -5.09
CA ALA A 96 26.99 10.57 -4.23
C ALA A 96 27.48 9.18 -3.85
N LYS A 97 28.01 8.44 -4.83
CA LYS A 97 28.54 7.11 -4.55
C LYS A 97 29.61 7.16 -3.47
N LYS A 98 30.51 8.14 -3.54
CA LYS A 98 31.55 8.25 -2.52
C LYS A 98 30.96 8.60 -1.17
N LEU A 99 29.97 9.50 -1.13
CA LEU A 99 29.32 9.85 0.13
C LEU A 99 28.66 8.63 0.76
N VAL A 100 28.05 7.76 -0.05
CA VAL A 100 27.42 6.56 0.47
C VAL A 100 28.47 5.56 0.93
N GLU A 101 29.62 5.53 0.25
CA GLU A 101 30.69 4.62 0.67
C GLU A 101 31.28 5.03 2.01
N ILE A 102 31.58 6.33 2.18
CA ILE A 102 32.24 6.75 3.41
C ILE A 102 31.30 6.66 4.59
N ALA A 103 29.99 6.83 4.37
CA ALA A 103 29.02 6.74 5.45
C ALA A 103 28.77 5.30 5.86
N ILE A 104 28.61 4.40 4.89
CA ILE A 104 28.48 2.99 5.19
C ILE A 104 29.75 2.45 5.82
N ASP A 105 30.90 2.93 5.35
CA ASP A 105 32.15 2.54 5.99
C ASP A 105 32.20 3.03 7.42
N LYS A 106 31.69 4.23 7.68
CA LYS A 106 31.63 4.74 9.03
C LYS A 106 30.71 3.89 9.90
N MET A 107 29.49 3.66 9.41
CA MET A 107 28.53 2.85 10.16
C MET A 107 29.03 1.42 10.38
N GLN A 108 29.76 0.86 9.41
CA GLN A 108 30.34 -0.46 9.59
C GLN A 108 31.40 -0.47 10.68
N ARG A 109 32.24 0.58 10.72
CA ARG A 109 33.22 0.67 11.79
C ARG A 109 32.57 0.84 13.15
N GLU A 110 31.36 1.40 13.18
CA GLU A 110 30.57 1.52 14.39
C GLU A 110 29.77 0.25 14.69
N HIS A 111 30.10 -0.85 14.00
CA HIS A 111 29.54 -2.17 14.26
C HIS A 111 28.05 -2.24 13.93
N CYS A 112 27.64 -1.56 12.86
CA CYS A 112 26.32 -1.80 12.31
C CYS A 112 26.29 -3.18 11.64
N ASP A 113 25.16 -3.86 11.78
CA ASP A 113 24.94 -5.15 11.15
C ASP A 113 24.25 -5.03 9.80
N GLU A 114 23.54 -3.92 9.56
CA GLU A 114 22.84 -3.74 8.30
C GLU A 114 22.63 -2.25 8.06
N ILE A 115 22.37 -1.91 6.79
CA ILE A 115 22.06 -0.54 6.40
C ILE A 115 20.69 -0.55 5.74
N MET A 116 19.86 0.43 6.09
CA MET A 116 18.50 0.48 5.60
C MET A 116 18.19 1.87 5.07
N LEU A 117 17.36 1.92 4.03
CA LEU A 117 16.90 3.20 3.49
C LEU A 117 15.62 2.96 2.72
N GLU A 118 14.88 4.05 2.49
CA GLU A 118 13.67 4.01 1.68
C GLU A 118 13.89 4.93 0.47
N THR A 119 13.52 4.43 -0.71
CA THR A 119 13.67 5.19 -1.94
C THR A 119 12.49 4.93 -2.85
N GLU A 120 12.22 5.87 -3.73
CA GLU A 120 11.11 5.74 -4.68
C GLU A 120 11.43 4.68 -5.71
N VAL A 121 10.42 3.91 -6.08
CA VAL A 121 10.60 2.92 -7.14
C VAL A 121 10.82 3.59 -8.49
N GLU A 122 10.39 4.84 -8.66
CA GLU A 122 10.62 5.57 -9.90
C GLU A 122 11.97 6.25 -9.93
N ASN A 123 12.70 6.25 -8.82
CA ASN A 123 14.01 6.91 -8.71
C ASN A 123 15.09 5.91 -9.14
N SER A 124 15.22 5.76 -10.46
CA SER A 124 16.15 4.78 -11.01
C SER A 124 17.59 5.13 -10.66
N ALA A 125 17.92 6.41 -10.57
CA ALA A 125 19.29 6.80 -10.26
C ALA A 125 19.72 6.30 -8.89
N ALA A 126 18.84 6.43 -7.89
CA ALA A 126 19.21 5.99 -6.56
C ALA A 126 19.26 4.47 -6.46
N LEU A 127 18.32 3.78 -7.10
CA LEU A 127 18.31 2.32 -7.06
C LEU A 127 19.60 1.75 -7.63
N ASN A 128 20.06 2.27 -8.76
CA ASN A 128 21.30 1.77 -9.34
C ASN A 128 22.48 1.98 -8.42
N LEU A 129 22.51 3.11 -7.70
CA LEU A 129 23.61 3.37 -6.79
C LEU A 129 23.68 2.34 -5.67
N TYR A 130 22.55 2.12 -4.98
CA TYR A 130 22.57 1.22 -3.84
C TYR A 130 22.66 -0.23 -4.27
N GLU A 131 21.80 -0.65 -5.19
CA GLU A 131 21.85 -2.03 -5.67
C GLU A 131 23.21 -2.37 -6.27
N GLY A 132 23.90 -1.38 -6.84
CA GLY A 132 25.25 -1.59 -7.30
C GLY A 132 26.25 -1.81 -6.17
N MET A 133 25.89 -1.43 -4.96
CA MET A 133 26.75 -1.61 -3.80
C MET A 133 26.39 -2.83 -2.98
N GLY A 134 25.40 -3.60 -3.42
CA GLY A 134 24.96 -4.79 -2.71
C GLY A 134 23.58 -4.69 -2.11
N PHE A 135 22.96 -3.52 -2.13
CA PHE A 135 21.61 -3.38 -1.60
C PHE A 135 20.62 -4.20 -2.39
N ILE A 136 19.67 -4.83 -1.70
CA ILE A 136 18.57 -5.51 -2.35
C ILE A 136 17.26 -4.96 -1.81
N ARG A 137 16.18 -5.24 -2.53
CA ARG A 137 14.86 -4.77 -2.14
C ARG A 137 14.19 -5.81 -1.26
N MET A 138 13.73 -5.38 -0.09
CA MET A 138 13.09 -6.27 0.87
C MET A 138 11.60 -6.00 1.05
N LYS A 139 11.09 -4.90 0.50
CA LYS A 139 9.70 -4.52 0.75
C LYS A 139 9.31 -3.44 -0.26
N ARG A 140 8.06 -3.47 -0.69
CA ARG A 140 7.48 -2.40 -1.48
C ARG A 140 6.32 -1.80 -0.71
N MET A 141 6.35 -0.48 -0.54
CA MET A 141 5.34 0.24 0.23
C MET A 141 4.41 0.99 -0.70
N PHE A 142 3.12 0.69 -0.60
CA PHE A 142 2.09 1.29 -1.45
C PHE A 142 1.93 2.77 -1.12
N ARG A 143 2.27 3.64 -2.08
CA ARG A 143 2.08 5.09 -1.99
C ARG A 143 2.71 5.66 -0.72
N TYR A 144 3.98 5.30 -0.50
CA TYR A 144 4.67 5.59 0.75
C TYR A 144 4.93 7.07 0.93
N TYR A 145 5.16 7.79 -0.17
CA TYR A 145 5.60 9.17 -0.15
C TYR A 145 4.46 10.13 -0.42
N LEU A 146 4.72 11.40 -0.05
CA LEU A 146 3.75 12.48 -0.18
C LEU A 146 3.30 12.66 -1.63
N ASN A 147 4.19 12.39 -2.59
CA ASN A 147 3.87 12.48 -4.00
C ASN A 147 3.12 11.26 -4.52
N GLU A 148 2.67 10.38 -3.61
CA GLU A 148 1.85 9.21 -3.89
C GLU A 148 2.60 8.10 -4.63
N GLY A 149 3.93 8.15 -4.65
CA GLY A 149 4.70 7.12 -5.31
C GLY A 149 5.06 5.98 -4.38
N ASP A 150 5.19 4.79 -4.93
CA ASP A 150 5.56 3.64 -4.12
C ASP A 150 7.04 3.73 -3.74
N ALA A 151 7.41 3.02 -2.68
CA ALA A 151 8.79 3.01 -2.21
C ALA A 151 9.30 1.59 -2.11
N PHE A 152 10.60 1.44 -2.33
CA PHE A 152 11.32 0.21 -2.01
C PHE A 152 12.10 0.43 -0.73
N LYS A 153 12.10 -0.58 0.14
CA LYS A 153 12.91 -0.60 1.34
C LYS A 153 14.17 -1.39 1.01
N LEU A 154 15.31 -0.71 0.97
CA LEU A 154 16.58 -1.34 0.61
C LEU A 154 17.36 -1.66 1.87
N ILE A 155 17.93 -2.86 1.92
CA ILE A 155 18.74 -3.30 3.05
C ILE A 155 20.05 -3.86 2.52
N LEU A 156 21.15 -3.47 3.15
CA LEU A 156 22.47 -4.00 2.85
C LEU A 156 23.00 -4.74 4.07
N PRO A 157 23.17 -6.06 4.01
CA PRO A 157 23.61 -6.81 5.19
C PRO A 157 25.12 -6.80 5.33
N LEU A 158 25.62 -6.36 6.48
CA LEU A 158 27.04 -6.29 6.78
C LEU A 158 27.53 -7.46 7.61
N THR A 159 26.70 -7.99 8.51
CA THR A 159 27.04 -9.16 9.29
C THR A 159 25.97 -10.23 9.10
N PRO B 2 -3.59 45.65 9.54
CA PRO B 2 -4.37 45.13 8.42
C PRO B 2 -5.53 46.04 8.02
N MET B 3 -5.90 46.04 6.75
CA MET B 3 -6.93 46.95 6.25
C MET B 3 -8.33 46.56 6.73
N GLU B 4 -8.60 45.27 6.88
CA GLU B 4 -9.94 44.84 7.28
C GLU B 4 -10.23 45.31 8.70
N VAL B 5 -11.46 45.79 8.91
CA VAL B 5 -11.85 46.32 10.21
C VAL B 5 -11.88 45.22 11.26
N ASP B 6 -12.38 44.04 10.90
CA ASP B 6 -12.45 42.94 11.85
C ASP B 6 -11.06 42.52 12.31
N SER B 7 -10.08 42.52 11.39
CA SER B 7 -8.72 42.16 11.77
C SER B 7 -8.12 43.21 12.70
N ILE B 8 -8.45 44.49 12.46
CA ILE B 8 -8.01 45.54 13.38
C ILE B 8 -8.66 45.34 14.75
N LEU B 9 -9.97 45.13 14.77
CA LEU B 9 -10.67 44.91 16.04
C LEU B 9 -10.24 43.62 16.70
N GLY B 10 -9.92 42.59 15.91
CA GLY B 10 -9.47 41.33 16.49
C GLY B 10 -8.09 41.44 17.11
N SER B 11 -7.20 42.23 16.49
CA SER B 11 -5.85 42.39 17.02
C SER B 11 -5.86 43.05 18.41
N LEU B 12 -6.86 43.90 18.68
CA LEU B 12 -6.96 44.53 19.99
C LEU B 12 -7.15 43.48 21.08
N SER B 13 -7.90 42.43 20.79
CA SER B 13 -8.27 41.42 21.77
C SER B 13 -7.66 40.06 21.47
N ILE B 14 -6.51 40.03 20.81
CA ILE B 14 -5.85 38.75 20.53
C ILE B 14 -5.37 38.11 21.81
N THR B 15 -4.73 38.90 22.68
CA THR B 15 -4.17 38.40 23.93
C THR B 15 -4.97 38.87 25.14
N ASP B 16 -6.29 39.00 25.00
CA ASP B 16 -7.10 39.46 26.12
C ASP B 16 -7.22 38.40 27.21
N ASP B 17 -7.12 37.12 26.84
CA ASP B 17 -7.18 36.07 27.85
C ASP B 17 -5.92 36.03 28.73
N PHE B 18 -4.84 36.68 28.29
CA PHE B 18 -3.64 36.83 29.09
C PHE B 18 -3.62 38.23 29.68
N ASP B 19 -3.64 38.32 31.02
CA ASP B 19 -3.74 39.62 31.67
C ASP B 19 -2.48 40.45 31.47
N GLN B 20 -1.31 39.83 31.64
CA GLN B 20 -0.05 40.56 31.58
C GLN B 20 0.99 39.71 30.86
N LEU B 21 1.53 40.23 29.76
CA LEU B 21 2.53 39.56 28.97
C LEU B 21 3.86 40.30 29.07
N VAL B 22 4.95 39.55 29.18
CA VAL B 22 6.28 40.11 29.36
C VAL B 22 7.17 39.70 28.20
N ASP B 23 7.95 40.64 27.68
CA ASP B 23 8.88 40.37 26.58
C ASP B 23 10.08 39.60 27.12
N VAL B 24 10.18 38.33 26.74
CA VAL B 24 11.32 37.49 27.08
C VAL B 24 12.19 37.21 25.85
N THR B 25 11.95 37.93 24.76
CA THR B 25 12.79 37.79 23.57
C THR B 25 14.25 38.11 23.88
N SER B 26 14.48 39.14 24.70
CA SER B 26 15.85 39.51 25.05
C SER B 26 16.51 38.46 25.92
N LEU B 27 15.75 37.86 26.85
CA LEU B 27 16.32 36.87 27.73
C LEU B 27 16.64 35.57 26.98
N PHE B 28 15.76 35.17 26.06
CA PHE B 28 15.99 33.94 25.30
C PHE B 28 17.25 34.06 24.45
N ASP B 29 17.42 35.18 23.76
CA ASP B 29 18.60 35.38 22.92
C ASP B 29 19.88 35.26 23.74
N GLU B 30 19.90 35.87 24.92
CA GLU B 30 21.13 35.88 25.72
C GLU B 30 21.51 34.48 26.17
N LEU B 31 20.54 33.68 26.60
CA LEU B 31 20.84 32.34 27.08
C LEU B 31 21.21 31.41 25.93
N CYS B 32 20.53 31.55 24.79
CA CYS B 32 20.79 30.65 23.67
C CYS B 32 22.14 30.92 23.02
N SER B 33 22.58 32.18 23.01
CA SER B 33 23.92 32.49 22.51
C SER B 33 24.98 31.82 23.37
N LYS B 34 24.77 31.80 24.69
CA LYS B 34 25.72 31.19 25.61
C LYS B 34 25.84 29.68 25.38
N LEU B 35 24.75 29.02 25.02
CA LEU B 35 24.73 27.58 24.93
C LEU B 35 25.56 27.07 23.75
N LYS B 36 26.06 25.84 23.90
CA LYS B 36 26.88 25.21 22.87
C LYS B 36 26.05 24.97 21.60
N PRO B 37 26.69 25.04 20.43
CA PRO B 37 25.93 24.82 19.18
C PRO B 37 25.25 23.46 19.09
N GLU B 38 25.86 22.42 19.65
CA GLU B 38 25.31 21.07 19.53
C GLU B 38 24.26 20.77 20.59
N ALA B 39 24.21 21.54 21.67
CA ALA B 39 23.30 21.23 22.77
C ALA B 39 21.86 21.59 22.42
N ILE B 40 20.92 20.80 22.91
CA ILE B 40 19.50 21.05 22.71
C ILE B 40 18.81 21.01 24.06
N VAL B 41 18.04 22.05 24.36
CA VAL B 41 17.30 22.12 25.61
C VAL B 41 15.94 21.47 25.41
N LYS B 42 15.70 20.36 26.10
CA LYS B 42 14.43 19.65 26.00
C LYS B 42 14.28 18.78 27.25
N ASP B 43 13.05 18.38 27.51
CA ASP B 43 12.76 17.43 28.58
C ASP B 43 13.55 16.16 28.31
N PRO B 44 14.40 15.72 29.24
CA PRO B 44 15.21 14.51 28.98
C PRO B 44 14.38 13.29 28.66
N ARG B 45 13.18 13.19 29.23
CA ARG B 45 12.28 12.08 28.92
C ARG B 45 11.74 12.16 27.50
N PHE B 46 11.57 13.38 26.98
CA PHE B 46 11.06 13.57 25.63
C PHE B 46 12.04 13.05 24.60
N ASP B 47 11.51 12.39 23.57
CA ASP B 47 12.33 11.84 22.49
C ASP B 47 12.37 12.82 21.33
N LEU B 48 13.57 13.10 20.83
CA LEU B 48 13.73 14.02 19.72
C LEU B 48 13.13 13.49 18.42
N PHE B 49 12.82 12.20 18.36
CA PHE B 49 12.22 11.64 17.16
C PHE B 49 10.83 12.21 16.90
N GLU B 50 10.12 12.62 17.97
CA GLU B 50 8.80 13.20 17.81
C GLU B 50 8.87 14.54 17.08
N GLY B 51 10.00 15.23 17.17
CA GLY B 51 10.16 16.50 16.47
C GLY B 51 10.19 16.37 14.95
N THR B 52 10.41 15.16 14.44
CA THR B 52 10.44 14.97 12.99
C THR B 52 9.06 15.08 12.37
N HIS B 53 8.00 15.02 13.18
CA HIS B 53 6.62 15.14 12.72
C HIS B 53 6.11 16.57 12.75
N SER B 54 7.01 17.54 12.85
CA SER B 54 6.64 18.93 13.09
C SER B 54 6.47 19.69 11.79
N LEU B 55 5.55 20.65 11.81
CA LEU B 55 5.43 21.65 10.77
C LEU B 55 6.39 22.79 11.07
N GLU B 56 6.67 23.62 10.06
CA GLU B 56 7.59 24.73 10.24
C GLU B 56 6.99 25.99 9.64
N VAL B 57 7.05 27.10 10.39
CA VAL B 57 6.51 28.36 9.89
C VAL B 57 7.44 28.94 8.83
N ASN B 58 6.87 29.72 7.92
CA ASN B 58 7.61 30.33 6.82
C ASN B 58 8.35 29.29 5.99
N ASN B 59 7.80 28.09 5.94
CA ASN B 59 8.30 27.02 5.07
C ASN B 59 7.18 26.74 4.08
N SER B 60 7.40 27.07 2.81
CA SER B 60 6.34 26.99 1.82
C SER B 60 5.76 25.58 1.73
N LYS B 61 6.61 24.56 1.93
CA LYS B 61 6.16 23.17 1.90
C LYS B 61 5.45 22.75 3.18
N LEU B 62 5.71 23.44 4.30
CA LEU B 62 5.24 22.99 5.61
C LEU B 62 4.27 23.95 6.29
N ASP B 63 3.95 25.10 5.68
CA ASP B 63 3.10 26.09 6.31
C ASP B 63 1.76 26.17 5.58
N SER B 64 0.67 25.96 6.33
CA SER B 64 -0.66 26.05 5.76
C SER B 64 -1.11 27.50 5.58
N SER B 65 -0.62 28.40 6.43
CA SER B 65 -1.07 29.79 6.42
C SER B 65 -0.57 30.54 5.19
N LEU B 66 0.63 30.21 4.72
CA LEU B 66 1.23 30.91 3.58
C LEU B 66 0.60 30.55 2.24
N ILE B 67 -0.44 29.72 2.23
CA ILE B 67 -1.07 29.33 0.97
C ILE B 67 -1.67 30.57 0.31
N GLU B 68 -1.55 30.63 -1.02
CA GLU B 68 -2.01 31.78 -1.79
C GLU B 68 -3.39 31.49 -2.38
N LEU B 69 -4.30 32.47 -2.25
CA LEU B 69 -5.68 32.32 -2.69
C LEU B 69 -6.09 33.48 -3.58
N THR B 70 -6.88 33.18 -4.61
CA THR B 70 -7.43 34.21 -5.47
C THR B 70 -8.56 34.94 -4.75
N ALA B 71 -8.92 36.12 -5.26
CA ALA B 71 -9.95 36.92 -4.60
C ALA B 71 -11.27 36.15 -4.51
N GLU B 72 -11.66 35.48 -5.59
CA GLU B 72 -12.92 34.73 -5.58
C GLU B 72 -12.91 33.66 -4.50
N GLU B 73 -11.76 33.01 -4.29
CA GLU B 73 -11.63 31.96 -3.28
C GLU B 73 -11.63 32.54 -1.86
N ILE B 74 -11.17 33.78 -1.69
CA ILE B 74 -10.96 34.31 -0.35
C ILE B 74 -12.29 34.61 0.34
N GLU B 75 -13.24 35.21 -0.38
CA GLU B 75 -14.55 35.43 0.21
C GLU B 75 -15.45 34.23 -0.05
N PHE B 76 -16.14 34.24 -1.19
CA PHE B 76 -17.10 33.22 -1.56
C PHE B 76 -18.05 32.91 -0.39
N ASP B 77 -18.98 33.83 -0.18
CA ASP B 77 -20.02 33.59 0.81
C ASP B 77 -20.96 32.50 0.31
N VAL B 78 -21.21 31.51 1.16
CA VAL B 78 -22.05 30.38 0.78
C VAL B 78 -23.51 30.78 0.58
N ASN B 79 -23.88 32.00 0.97
CA ASN B 79 -25.25 32.48 0.89
C ASN B 79 -25.55 33.18 -0.42
N VAL B 80 -24.52 33.51 -1.22
CA VAL B 80 -24.75 34.16 -2.51
C VAL B 80 -25.18 33.11 -3.52
N ALA B 81 -26.20 33.43 -4.31
CA ALA B 81 -26.67 32.58 -5.39
C ALA B 81 -26.05 33.09 -6.69
N TYR B 82 -25.01 32.40 -7.16
CA TYR B 82 -24.26 32.85 -8.33
C TYR B 82 -24.96 32.45 -9.62
N ASP B 83 -24.99 33.39 -10.59
CA ASP B 83 -25.59 33.15 -11.88
C ASP B 83 -24.64 32.39 -12.80
N PRO B 84 -25.16 31.53 -13.69
CA PRO B 84 -26.57 31.11 -13.67
C PRO B 84 -26.80 30.01 -12.63
N PRO B 85 -27.94 30.07 -11.92
CA PRO B 85 -28.16 29.10 -10.84
C PRO B 85 -28.19 27.65 -11.31
N LEU B 86 -28.89 27.36 -12.41
CA LEU B 86 -28.98 25.97 -12.88
C LEU B 86 -27.63 25.43 -13.32
N ALA B 87 -26.88 26.23 -14.09
CA ALA B 87 -25.59 25.77 -14.58
C ALA B 87 -24.58 25.63 -13.45
N SER B 88 -24.61 26.56 -12.48
CA SER B 88 -23.65 26.53 -11.39
C SER B 88 -23.96 25.40 -10.41
N VAL B 89 -25.24 25.23 -10.05
CA VAL B 89 -25.62 24.14 -9.15
C VAL B 89 -25.26 22.79 -9.76
N ALA B 90 -25.53 22.62 -11.06
CA ALA B 90 -25.17 21.37 -11.72
C ALA B 90 -23.66 21.21 -11.82
N ALA B 91 -22.92 22.31 -11.96
CA ALA B 91 -21.46 22.24 -12.02
C ALA B 91 -20.86 22.01 -10.64
N ILE B 92 -21.45 22.65 -9.61
CA ILE B 92 -21.01 22.38 -8.24
C ILE B 92 -21.26 20.93 -7.87
N ALA B 93 -22.47 20.45 -8.14
CA ALA B 93 -22.81 19.07 -7.81
C ALA B 93 -21.99 18.08 -8.64
N ASP B 94 -21.61 18.46 -9.87
CA ASP B 94 -20.79 17.58 -10.69
C ASP B 94 -19.38 17.45 -10.12
N ARG B 95 -18.76 18.58 -9.78
CA ARG B 95 -17.40 18.53 -9.24
C ARG B 95 -17.34 17.82 -7.90
N LEU B 96 -18.40 17.95 -7.08
CA LEU B 96 -18.39 17.28 -5.78
C LEU B 96 -18.36 15.76 -5.96
N LEU B 97 -19.17 15.22 -6.87
CA LEU B 97 -19.12 13.80 -7.14
C LEU B 97 -17.75 13.38 -7.66
N ARG B 98 -17.17 14.17 -8.57
CA ARG B 98 -15.84 13.86 -9.08
C ARG B 98 -14.76 14.11 -8.03
N CYS B 99 -15.05 14.91 -6.99
CA CYS B 99 -14.15 14.99 -5.85
C CYS B 99 -14.18 13.71 -5.02
N VAL B 100 -15.34 13.06 -4.94
CA VAL B 100 -15.44 11.83 -4.17
C VAL B 100 -14.69 10.70 -4.87
N ILE B 101 -14.82 10.62 -6.20
CA ILE B 101 -14.07 9.62 -6.97
C ILE B 101 -12.57 9.84 -6.81
N SER B 102 -12.12 11.09 -6.91
CA SER B 102 -10.71 11.37 -6.71
C SER B 102 -10.25 10.95 -5.32
N TRP B 103 -11.13 11.11 -4.32
CA TRP B 103 -10.78 10.77 -2.95
C TRP B 103 -10.67 9.26 -2.76
N LEU B 104 -11.64 8.49 -3.26
CA LEU B 104 -11.69 7.05 -3.05
C LEU B 104 -10.96 6.29 -4.15
N ASN B 105 -11.31 6.53 -5.41
CA ASN B 105 -10.72 5.78 -6.51
C ASN B 105 -9.26 6.17 -6.72
N ASP B 106 -8.95 7.46 -6.70
CA ASP B 106 -7.60 7.94 -6.94
C ASP B 106 -6.77 8.08 -5.67
N TYR B 107 -7.32 7.65 -4.53
CA TYR B 107 -6.60 7.61 -3.25
C TYR B 107 -6.12 8.99 -2.82
N GLN B 108 -6.81 10.04 -3.24
CA GLN B 108 -6.43 11.40 -2.85
C GLN B 108 -6.89 11.68 -1.42
N THR B 109 -6.40 12.80 -0.89
CA THR B 109 -6.69 13.16 0.49
C THR B 109 -8.08 13.76 0.63
N LEU B 110 -8.67 13.54 1.80
CA LEU B 110 -10.01 14.07 2.08
C LEU B 110 -10.04 15.60 2.07
N PRO B 111 -9.11 16.33 2.69
CA PRO B 111 -9.20 17.80 2.67
C PRO B 111 -9.11 18.40 1.28
N THR B 112 -8.37 17.79 0.36
CA THR B 112 -8.23 18.32 -0.99
C THR B 112 -9.28 17.78 -1.94
N THR B 113 -10.31 17.11 -1.44
CA THR B 113 -11.33 16.54 -2.31
C THR B 113 -12.73 16.90 -1.83
N VAL B 114 -13.23 16.17 -0.83
CA VAL B 114 -14.58 16.41 -0.35
C VAL B 114 -14.62 17.65 0.53
N LEU B 115 -13.65 17.80 1.43
CA LEU B 115 -13.61 18.99 2.28
C LEU B 115 -13.13 20.24 1.54
N SER B 116 -12.65 20.09 0.30
CA SER B 116 -12.24 21.25 -0.50
C SER B 116 -13.43 22.13 -0.88
N CYS B 117 -14.63 21.55 -0.90
CA CYS B 117 -15.85 22.29 -1.21
C CYS B 117 -16.25 23.16 -0.02
N ARG B 118 -16.52 24.44 -0.28
CA ARG B 118 -16.93 25.34 0.78
C ARG B 118 -18.32 24.98 1.32
N TYR B 119 -19.18 24.43 0.46
CA TYR B 119 -20.52 24.05 0.89
C TYR B 119 -20.46 22.94 1.94
N THR B 120 -19.65 21.91 1.70
CA THR B 120 -19.57 20.79 2.65
C THR B 120 -19.01 21.25 3.99
N GLU B 121 -18.03 22.16 3.96
CA GLU B 121 -17.54 22.74 5.21
C GLU B 121 -18.64 23.49 5.94
N SER B 122 -19.46 24.24 5.19
CA SER B 122 -20.55 24.99 5.81
C SER B 122 -21.58 24.08 6.45
N LEU B 123 -21.87 22.94 5.79
CA LEU B 123 -22.89 22.03 6.32
C LEU B 123 -22.39 21.31 7.56
N LEU B 124 -21.15 20.82 7.51
CA LEU B 124 -20.60 20.06 8.63
C LEU B 124 -20.42 20.93 9.87
N SER B 125 -20.12 22.21 9.68
CA SER B 125 -19.96 23.10 10.83
C SER B 125 -21.28 23.29 11.58
N SER B 126 -22.40 23.32 10.84
CA SER B 126 -23.69 23.41 11.49
C SER B 126 -24.07 22.10 12.17
N LEU B 127 -23.67 20.97 11.57
CA LEU B 127 -23.93 19.67 12.18
C LEU B 127 -23.11 19.47 13.44
N VAL B 128 -21.91 20.05 13.52
CA VAL B 128 -21.10 19.94 14.72
C VAL B 128 -21.81 20.61 15.89
N LYS B 129 -22.45 21.75 15.64
CA LYS B 129 -23.25 22.41 16.66
C LYS B 129 -24.49 21.59 16.96
N GLY B 130 -25.40 21.50 15.99
CA GLY B 130 -26.63 20.75 16.15
C GLY B 130 -27.18 20.18 14.86
N SER B 135 -31.13 25.22 5.53
CA SER B 135 -30.03 24.38 6.02
C SER B 135 -28.92 25.24 6.62
N SER B 136 -27.67 24.85 6.35
CA SER B 136 -26.53 25.61 6.85
C SER B 136 -26.44 26.97 6.18
N TRP B 137 -26.87 27.07 4.92
CA TRP B 137 -26.90 28.33 4.20
C TRP B 137 -28.29 28.53 3.61
N CYS B 138 -28.71 29.79 3.52
CA CYS B 138 -29.95 30.15 2.85
C CYS B 138 -29.65 31.25 1.85
N THR B 139 -29.89 30.97 0.56
CA THR B 139 -29.54 31.89 -0.51
C THR B 139 -30.73 32.57 -1.16
N GLY B 140 -31.95 32.17 -0.81
CA GLY B 140 -33.14 32.71 -1.45
C GLY B 140 -33.51 32.04 -2.76
N ASN B 141 -32.62 31.22 -3.32
CA ASN B 141 -32.84 30.49 -4.54
C ASN B 141 -33.03 29.01 -4.22
N ILE B 142 -34.05 28.40 -4.83
CA ILE B 142 -34.40 27.02 -4.52
C ILE B 142 -33.29 26.06 -4.93
N LEU B 143 -32.65 26.31 -6.07
CA LEU B 143 -31.64 25.36 -6.57
C LEU B 143 -30.48 25.22 -5.59
N TYR B 144 -30.00 26.34 -5.05
CA TYR B 144 -28.92 26.26 -4.07
C TYR B 144 -29.43 25.83 -2.71
N ASP B 145 -30.63 26.27 -2.34
CA ASP B 145 -31.13 26.02 -0.98
C ASP B 145 -31.65 24.61 -0.81
N LYS B 146 -32.43 24.09 -1.76
CA LYS B 146 -33.01 22.77 -1.64
C LYS B 146 -32.27 21.73 -2.49
N VAL B 147 -32.17 21.96 -3.80
CA VAL B 147 -31.55 20.99 -4.68
C VAL B 147 -30.09 20.77 -4.31
N LEU B 148 -29.36 21.87 -4.04
CA LEU B 148 -27.95 21.74 -3.69
C LEU B 148 -27.76 21.34 -2.23
N GLY B 149 -28.63 21.81 -1.33
CA GLY B 149 -28.51 21.44 0.06
C GLY B 149 -28.63 19.95 0.29
N SER B 150 -29.52 19.30 -0.48
CA SER B 150 -29.66 17.85 -0.36
C SER B 150 -28.45 17.13 -0.91
N CYS B 151 -27.83 17.67 -1.96
CA CYS B 151 -26.65 17.04 -2.54
C CYS B 151 -25.48 17.02 -1.54
N ILE B 152 -25.29 18.13 -0.82
CA ILE B 152 -24.22 18.19 0.17
C ILE B 152 -24.52 17.27 1.34
N LEU B 153 -25.79 17.23 1.77
CA LEU B 153 -26.16 16.35 2.88
C LEU B 153 -25.94 14.89 2.51
N GLY B 154 -26.29 14.51 1.28
CA GLY B 154 -26.10 13.13 0.87
C GLY B 154 -24.64 12.72 0.75
N VAL B 155 -23.77 13.66 0.38
CA VAL B 155 -22.34 13.34 0.29
C VAL B 155 -21.72 13.29 1.68
N CYS B 156 -22.09 14.22 2.57
CA CYS B 156 -21.58 14.16 3.93
C CYS B 156 -22.02 12.89 4.63
N TYR B 157 -23.19 12.35 4.26
CA TYR B 157 -23.63 11.08 4.83
C TYR B 157 -22.77 9.93 4.34
N LEU B 158 -22.36 9.98 3.07
CA LEU B 158 -21.49 8.94 2.53
C LEU B 158 -20.12 8.95 3.19
N THR B 159 -19.60 10.14 3.52
CA THR B 159 -18.32 10.21 4.21
C THR B 159 -18.41 9.60 5.60
N LYS B 160 -19.51 9.86 6.32
CA LYS B 160 -19.67 9.26 7.64
C LYS B 160 -19.72 7.75 7.55
N PHE B 161 -20.37 7.22 6.51
CA PHE B 161 -20.40 5.78 6.30
C PHE B 161 -19.00 5.23 6.03
N VAL B 162 -18.17 6.00 5.34
CA VAL B 162 -16.79 5.58 5.11
C VAL B 162 -16.01 5.55 6.41
N GLN B 163 -16.29 6.51 7.31
CA GLN B 163 -15.65 6.49 8.62
C GLN B 163 -16.00 5.22 9.39
N LYS B 164 -17.26 4.76 9.26
CA LYS B 164 -17.66 3.53 9.93
C LYS B 164 -16.91 2.33 9.39
N LEU B 165 -16.51 2.37 8.11
CA LEU B 165 -15.74 1.28 7.52
C LEU B 165 -14.30 1.29 8.00
N LEU B 166 -13.65 2.45 7.97
CA LEU B 166 -12.27 2.56 8.45
C LEU B 166 -12.17 2.34 9.95
N SER B 167 -13.25 2.55 10.70
CA SER B 167 -13.23 2.26 12.12
C SER B 167 -12.99 0.79 12.39
N ALA B 168 -13.34 -0.08 11.44
CA ALA B 168 -13.13 -1.51 11.58
C ALA B 168 -11.66 -1.90 11.43
N GLY B 169 -10.79 -0.98 11.01
CA GLY B 169 -9.40 -1.31 10.83
C GLY B 169 -9.13 -2.37 9.81
N ILE B 170 -10.07 -2.59 8.88
CA ILE B 170 -9.89 -3.63 7.87
C ILE B 170 -8.71 -3.30 6.96
N VAL B 171 -8.63 -2.05 6.49
CA VAL B 171 -7.53 -1.62 5.65
C VAL B 171 -6.74 -0.53 6.38
N PHE B 172 -5.50 -0.33 5.91
CA PHE B 172 -4.59 0.60 6.56
C PHE B 172 -4.95 2.03 6.21
N GLU B 173 -4.94 2.89 7.22
CA GLU B 173 -5.40 4.27 7.05
C GLU B 173 -4.31 5.13 6.41
N GLU B 174 -4.74 6.08 5.59
CA GLU B 174 -3.86 7.00 4.84
C GLU B 174 -2.90 6.23 3.93
N GLU B 175 -3.36 5.10 3.40
CA GLU B 175 -2.65 4.35 2.38
C GLU B 175 -3.66 3.83 1.38
N ASP B 176 -4.53 2.91 1.82
CA ASP B 176 -5.64 2.47 0.98
C ASP B 176 -6.73 3.52 0.92
N LEU B 177 -6.83 4.35 1.96
CA LEU B 177 -7.90 5.33 2.07
C LEU B 177 -7.52 6.39 3.08
N ASN B 178 -7.65 7.65 2.68
CA ASN B 178 -7.32 8.78 3.55
C ASN B 178 -8.59 9.33 4.17
N PHE B 179 -8.58 9.47 5.50
CA PHE B 179 -9.71 10.04 6.23
C PHE B 179 -9.18 11.08 7.22
N ASN B 180 -8.71 12.19 6.69
CA ASN B 180 -8.34 13.33 7.53
C ASN B 180 -9.58 14.18 7.68
N ASN B 181 -10.27 14.03 8.81
CA ASN B 181 -11.52 14.74 9.05
C ASN B 181 -11.30 16.17 9.52
N MET B 182 -10.04 16.56 9.76
CA MET B 182 -9.68 17.90 10.24
C MET B 182 -10.39 18.23 11.55
N GLY B 183 -10.48 17.22 12.43
CA GLY B 183 -11.10 17.39 13.72
C GLY B 183 -12.62 17.34 13.72
N PHE B 184 -13.25 17.09 12.58
CA PHE B 184 -14.71 17.10 12.51
C PHE B 184 -15.30 15.92 13.27
N ASN B 185 -16.34 16.20 14.04
CA ASN B 185 -17.12 15.16 14.71
C ASN B 185 -18.58 15.58 14.62
N THR B 186 -19.33 14.93 13.74
CA THR B 186 -20.76 15.21 13.62
C THR B 186 -21.58 14.46 14.65
N PHE B 187 -20.97 13.56 15.41
CA PHE B 187 -21.63 12.82 16.47
C PHE B 187 -22.88 12.13 15.94
N ASP B 188 -23.98 12.24 16.66
CA ASP B 188 -25.26 11.71 16.18
C ASP B 188 -26.12 12.77 15.50
N ASN B 189 -25.58 13.98 15.30
CA ASN B 189 -26.36 15.09 14.76
C ASN B 189 -26.71 14.87 13.29
N LEU B 190 -25.88 14.15 12.56
CA LEU B 190 -26.15 13.90 11.15
C LEU B 190 -27.43 13.07 11.03
N PRO B 191 -28.37 13.47 10.17
CA PRO B 191 -29.65 12.76 10.07
C PRO B 191 -29.49 11.32 9.58
N GLY B 192 -30.59 10.58 9.67
CA GLY B 192 -30.58 9.19 9.25
C GLY B 192 -30.68 9.02 7.75
N GLN B 193 -30.50 7.77 7.31
CA GLN B 193 -30.49 7.47 5.88
C GLN B 193 -31.83 7.84 5.23
N ASP B 194 -32.94 7.49 5.88
CA ASP B 194 -34.25 7.77 5.30
C ASP B 194 -34.47 9.27 5.14
N VAL B 195 -34.01 10.07 6.10
CA VAL B 195 -34.18 11.52 6.02
C VAL B 195 -33.36 12.08 4.85
N VAL B 196 -32.12 11.59 4.70
CA VAL B 196 -31.27 12.04 3.61
C VAL B 196 -31.88 11.66 2.27
N ILE B 197 -32.42 10.45 2.18
CA ILE B 197 -33.02 9.99 0.93
C ILE B 197 -34.25 10.81 0.59
N ASN B 198 -35.11 11.08 1.58
CA ASN B 198 -36.30 11.88 1.33
C ASN B 198 -35.96 13.29 0.90
N SER B 199 -34.84 13.84 1.40
CA SER B 199 -34.42 15.17 0.96
C SER B 199 -34.00 15.15 -0.50
N LEU B 200 -33.22 14.13 -0.90
CA LEU B 200 -32.82 14.02 -2.30
C LEU B 200 -34.02 13.72 -3.20
N THR B 201 -34.96 12.92 -2.71
CA THR B 201 -36.17 12.62 -3.50
C THR B 201 -37.01 13.87 -3.69
N GLU B 202 -37.13 14.70 -2.65
CA GLU B 202 -37.88 15.95 -2.79
C GLU B 202 -37.23 16.87 -3.82
N SER B 203 -35.90 16.90 -3.86
CA SER B 203 -35.21 17.76 -4.80
C SER B 203 -35.43 17.31 -6.24
N LEU B 204 -35.49 15.99 -6.45
CA LEU B 204 -35.78 15.46 -7.78
C LEU B 204 -37.17 15.87 -8.25
N GLN B 205 -38.15 15.84 -7.35
CA GLN B 205 -39.50 16.23 -7.72
C GLN B 205 -39.58 17.72 -8.07
N ILE B 206 -38.75 18.54 -7.42
CA ILE B 206 -38.69 19.95 -7.77
C ILE B 206 -38.21 20.12 -9.19
N LEU B 207 -37.18 19.36 -9.57
CA LEU B 207 -36.60 19.48 -10.91
C LEU B 207 -37.59 19.07 -12.00
N GLU B 208 -38.44 18.07 -11.73
CA GLU B 208 -39.44 17.69 -12.73
C GLU B 208 -40.40 18.83 -12.99
N ALA B 209 -40.81 19.52 -11.92
CA ALA B 209 -41.65 20.70 -12.03
C ALA B 209 -40.91 21.91 -12.58
N TYR B 210 -39.57 21.91 -12.54
CA TYR B 210 -38.80 23.08 -12.96
C TYR B 210 -38.95 23.34 -14.46
N SER B 211 -38.97 24.63 -14.82
CA SER B 211 -39.28 25.09 -16.18
C SER B 211 -38.11 24.93 -17.15
N ASP B 212 -36.89 25.25 -16.72
CA ASP B 212 -35.74 25.20 -17.62
C ASP B 212 -35.46 23.76 -18.03
N ASP B 213 -35.45 23.52 -19.34
CA ASP B 213 -35.28 22.18 -19.88
C ASP B 213 -33.90 21.94 -20.50
N SER B 214 -32.92 22.78 -20.18
CA SER B 214 -31.59 22.61 -20.74
C SER B 214 -30.96 21.30 -20.27
N LEU B 215 -29.83 20.97 -20.88
CA LEU B 215 -29.14 19.72 -20.56
C LEU B 215 -28.65 19.69 -19.12
N HIS B 216 -28.41 20.86 -18.51
CA HIS B 216 -27.95 20.91 -17.13
C HIS B 216 -28.99 20.31 -16.19
N LEU B 217 -30.27 20.55 -16.46
CA LEU B 217 -31.32 19.95 -15.65
C LEU B 217 -31.27 18.43 -15.71
N THR B 218 -31.13 17.88 -16.92
CA THR B 218 -31.08 16.43 -17.08
C THR B 218 -29.89 15.84 -16.33
N MET B 219 -28.75 16.53 -16.36
CA MET B 219 -27.58 16.03 -15.63
C MET B 219 -27.77 16.19 -14.12
N LEU B 220 -28.40 17.28 -13.69
CA LEU B 220 -28.64 17.47 -12.26
C LEU B 220 -29.57 16.40 -11.71
N LYS B 221 -30.52 15.93 -12.54
CA LYS B 221 -31.39 14.83 -12.11
C LYS B 221 -30.59 13.56 -11.88
N HIS B 222 -29.66 13.23 -12.78
CA HIS B 222 -28.81 12.07 -12.59
C HIS B 222 -27.89 12.22 -11.39
N ILE B 223 -27.42 13.44 -11.12
CA ILE B 223 -26.54 13.67 -9.97
C ILE B 223 -27.30 13.42 -8.67
N LEU B 224 -28.55 13.89 -8.59
CA LEU B 224 -29.38 13.56 -7.45
C LEU B 224 -29.63 12.06 -7.36
N LYS B 225 -29.83 11.40 -8.51
CA LYS B 225 -30.08 9.97 -8.50
C LYS B 225 -28.83 9.19 -8.11
N ILE B 226 -27.65 9.66 -8.54
CA ILE B 226 -26.41 8.98 -8.20
C ILE B 226 -26.16 9.03 -6.69
N ILE B 227 -26.36 10.19 -6.08
CA ILE B 227 -26.17 10.32 -4.64
C ILE B 227 -27.14 9.39 -3.90
N ILE B 228 -28.38 9.29 -4.40
CA ILE B 228 -29.36 8.39 -3.79
C ILE B 228 -28.84 6.95 -3.79
N CYS B 229 -28.37 6.49 -4.94
CA CYS B 229 -27.86 5.13 -5.01
C CYS B 229 -26.54 4.96 -4.27
N LEU B 230 -25.78 6.05 -4.07
CA LEU B 230 -24.57 5.96 -3.27
C LEU B 230 -24.89 5.83 -1.78
N VAL B 231 -25.96 6.50 -1.32
CA VAL B 231 -26.35 6.40 0.08
C VAL B 231 -26.79 4.98 0.40
N HIS B 232 -27.36 4.27 -0.59
CA HIS B 232 -27.76 2.89 -0.41
C HIS B 232 -26.58 1.93 -0.24
N LEU B 233 -25.33 2.42 -0.27
CA LEU B 233 -24.19 1.53 -0.06
C LEU B 233 -24.14 0.99 1.36
N GLU B 234 -24.66 1.75 2.33
CA GLU B 234 -24.63 1.27 3.71
C GLU B 234 -25.61 0.13 3.95
N ASP B 235 -26.47 -0.19 2.99
CA ASP B 235 -27.40 -1.30 3.13
C ASP B 235 -26.70 -2.65 3.12
N HIS B 236 -25.53 -2.73 2.48
CA HIS B 236 -24.79 -3.99 2.41
C HIS B 236 -24.06 -4.33 3.70
N LEU B 237 -23.95 -3.38 4.64
CA LEU B 237 -23.32 -3.63 5.93
C LEU B 237 -24.33 -3.69 7.06
N THR B 238 -25.23 -2.71 7.16
CA THR B 238 -26.24 -2.71 8.20
C THR B 238 -27.21 -3.89 8.07
N ASP B 239 -27.62 -4.22 6.84
CA ASP B 239 -28.58 -5.30 6.61
C ASP B 239 -27.98 -6.45 5.80
N TYR B 240 -26.71 -6.35 5.42
CA TYR B 240 -26.04 -7.36 4.58
C TYR B 240 -26.84 -7.63 3.30
N SER B 241 -27.29 -6.55 2.64
CA SER B 241 -28.07 -6.67 1.43
C SER B 241 -27.23 -7.25 0.29
N THR B 242 -27.81 -8.21 -0.44
CA THR B 242 -27.17 -8.82 -1.60
C THR B 242 -27.88 -8.44 -2.90
N LYS B 243 -28.71 -7.40 -2.87
CA LYS B 243 -29.48 -7.00 -4.04
C LYS B 243 -28.70 -5.97 -4.85
N THR B 244 -28.61 -6.20 -6.16
CA THR B 244 -27.88 -5.33 -7.05
C THR B 244 -28.76 -4.25 -7.67
N SER B 245 -29.90 -3.94 -7.04
CA SER B 245 -30.86 -3.01 -7.62
C SER B 245 -30.29 -1.59 -7.68
N HIS B 246 -29.79 -1.07 -6.56
CA HIS B 246 -29.25 0.27 -6.55
C HIS B 246 -27.84 0.33 -7.11
N LEU B 247 -27.13 -0.81 -7.15
CA LEU B 247 -25.83 -0.84 -7.82
C LEU B 247 -25.99 -0.78 -9.33
N ASP B 248 -27.08 -1.36 -9.87
CA ASP B 248 -27.33 -1.27 -11.30
C ASP B 248 -27.85 0.11 -11.69
N GLU B 249 -28.68 0.72 -10.84
CA GLU B 249 -29.12 2.09 -11.10
C GLU B 249 -27.94 3.05 -11.09
N LEU B 250 -26.99 2.86 -10.17
CA LEU B 250 -25.79 3.69 -10.16
C LEU B 250 -25.01 3.55 -11.46
N ILE B 251 -24.97 2.35 -12.03
CA ILE B 251 -24.27 2.14 -13.29
C ILE B 251 -25.03 2.80 -14.43
N GLU B 252 -26.35 2.64 -14.47
CA GLU B 252 -27.15 3.26 -15.52
C GLU B 252 -27.11 4.79 -15.41
N ASN B 253 -27.12 5.32 -14.19
CA ASN B 253 -27.04 6.77 -14.01
C ASN B 253 -25.67 7.30 -14.43
N ALA B 254 -24.60 6.58 -14.10
CA ALA B 254 -23.27 7.03 -14.47
C ALA B 254 -23.03 6.89 -15.98
N ASN B 255 -23.66 5.91 -16.62
CA ASN B 255 -23.54 5.78 -18.07
C ASN B 255 -24.19 6.96 -18.77
N SER B 256 -25.31 7.45 -18.25
CA SER B 256 -26.02 8.56 -18.88
C SER B 256 -25.26 9.86 -18.76
N VAL B 257 -24.50 10.03 -17.67
CA VAL B 257 -23.76 11.27 -17.47
C VAL B 257 -22.49 11.28 -18.33
N ASN B 258 -21.86 10.13 -18.53
CA ASN B 258 -20.64 10.08 -19.32
C ASN B 258 -20.88 10.51 -20.76
N GLY B 259 -22.05 10.22 -21.32
CA GLY B 259 -22.36 10.75 -22.63
C GLY B 259 -22.86 12.17 -22.66
N ILE B 260 -22.86 12.84 -21.51
CA ILE B 260 -23.41 14.18 -21.38
C ILE B 260 -22.28 15.19 -21.22
N PHE B 261 -21.18 14.74 -20.64
CA PHE B 261 -19.98 15.58 -20.49
C PHE B 261 -19.52 16.24 -21.79
N PRO B 262 -19.43 15.55 -22.93
CA PRO B 262 -18.96 16.26 -24.14
C PRO B 262 -19.91 17.32 -24.66
N GLN B 263 -21.22 17.17 -24.45
CA GLN B 263 -22.17 18.08 -25.08
C GLN B 263 -22.22 19.44 -24.39
N LEU B 264 -21.81 19.52 -23.13
CA LEU B 264 -21.88 20.75 -22.37
C LEU B 264 -20.61 20.92 -21.54
N GLN B 265 -20.22 22.17 -21.32
CA GLN B 265 -19.04 22.48 -20.52
C GLN B 265 -19.47 23.02 -19.16
N LEU B 266 -18.84 22.51 -18.10
CA LEU B 266 -19.21 22.87 -16.73
C LEU B 266 -18.05 23.60 -16.06
N SER B 267 -18.36 24.72 -15.42
CA SER B 267 -17.41 25.46 -14.61
C SER B 267 -18.12 26.00 -13.38
N PRO B 268 -17.79 25.51 -12.20
CA PRO B 268 -18.46 25.98 -10.98
C PRO B 268 -18.11 27.43 -10.68
N PRO B 269 -18.87 28.10 -9.81
CA PRO B 269 -18.49 29.45 -9.38
C PRO B 269 -17.10 29.44 -8.78
N LYS B 270 -16.27 30.39 -9.20
CA LYS B 270 -14.89 30.44 -8.73
C LYS B 270 -14.86 30.62 -7.22
N GLY B 271 -13.97 29.86 -6.57
CA GLY B 271 -13.86 29.88 -5.12
C GLY B 271 -14.72 28.85 -4.42
N ALA B 272 -15.56 28.11 -5.15
CA ALA B 272 -16.36 27.06 -4.54
C ALA B 272 -15.49 25.92 -4.06
N PHE B 273 -14.54 25.48 -4.90
CA PHE B 273 -13.59 24.43 -4.56
C PHE B 273 -12.21 25.05 -4.52
N SER B 274 -11.60 25.04 -3.34
CA SER B 274 -10.31 25.70 -3.15
C SER B 274 -9.60 25.11 -1.94
N THR B 275 -8.38 25.57 -1.72
CA THR B 275 -7.60 25.22 -0.55
C THR B 275 -7.90 26.10 0.66
N TYR B 276 -9.00 26.84 0.61
CA TYR B 276 -9.40 27.73 1.71
C TYR B 276 -9.41 27.00 3.04
N ILE B 277 -9.92 25.76 3.05
CA ILE B 277 -10.08 25.05 4.31
C ILE B 277 -8.73 24.69 4.91
N GLN B 278 -7.70 24.49 4.08
CA GLN B 278 -6.38 24.20 4.62
C GLN B 278 -5.72 25.43 5.22
N LYS B 279 -6.25 26.61 4.97
CA LYS B 279 -5.65 27.87 5.40
C LYS B 279 -6.27 28.45 6.65
N HIS B 280 -7.58 28.30 6.83
CA HIS B 280 -8.28 28.94 7.95
C HIS B 280 -8.93 27.96 8.91
N ARG B 281 -8.79 26.65 8.68
CA ARG B 281 -9.24 25.63 9.61
C ARG B 281 -8.03 24.92 10.21
N SER B 282 -8.18 24.44 11.43
CA SER B 282 -7.11 23.73 12.12
C SER B 282 -6.58 22.58 11.26
N ASN B 283 -5.27 22.59 11.01
CA ASN B 283 -4.63 21.61 10.13
C ASN B 283 -3.22 21.35 10.63
N GLN B 284 -2.96 20.12 11.07
CA GLN B 284 -1.66 19.70 11.54
C GLN B 284 -0.80 19.08 10.44
N PHE B 285 -1.19 19.24 9.18
CA PHE B 285 -0.50 18.63 8.06
C PHE B 285 -0.05 19.70 7.06
N PRO B 286 0.99 19.43 6.29
CA PRO B 286 1.48 20.43 5.33
C PRO B 286 0.42 20.75 4.29
N PRO B 287 0.50 21.93 3.66
CA PRO B 287 -0.46 22.24 2.60
C PRO B 287 -0.31 21.30 1.42
N ARG B 288 -1.42 21.08 0.72
CA ARG B 288 -1.44 20.15 -0.40
C ARG B 288 -2.25 20.76 -1.54
N LYS B 289 -1.70 20.70 -2.75
CA LYS B 289 -2.44 21.11 -3.93
C LYS B 289 -3.56 20.13 -4.22
N ILE B 290 -4.51 20.57 -5.04
CA ILE B 290 -5.66 19.74 -5.41
C ILE B 290 -5.34 19.03 -6.72
N THR B 291 -5.29 17.69 -6.67
CA THR B 291 -4.97 16.91 -7.85
C THR B 291 -6.11 16.96 -8.86
N LYS B 292 -5.75 16.87 -10.14
CA LYS B 292 -6.73 16.93 -11.21
C LYS B 292 -7.78 15.85 -11.04
N LEU B 293 -9.04 16.27 -11.03
CA LEU B 293 -10.16 15.35 -10.88
C LEU B 293 -10.42 14.59 -12.17
N PRO B 294 -11.05 13.42 -12.07
CA PRO B 294 -11.39 12.67 -13.29
C PRO B 294 -12.34 13.44 -14.17
N THR B 295 -12.33 13.13 -15.46
CA THR B 295 -13.16 13.82 -16.42
C THR B 295 -14.57 13.23 -16.56
N ASP B 296 -14.75 11.96 -16.20
CA ASP B 296 -16.03 11.28 -16.32
C ASP B 296 -16.40 10.62 -14.99
N TYR B 297 -17.55 9.95 -14.98
CA TYR B 297 -18.05 9.24 -13.81
C TYR B 297 -17.70 7.75 -13.85
N SER B 298 -16.64 7.38 -14.55
CA SER B 298 -16.27 5.97 -14.67
C SER B 298 -15.89 5.34 -13.33
N GLY B 299 -15.56 6.16 -12.33
CA GLY B 299 -15.23 5.62 -11.03
C GLY B 299 -16.41 4.93 -10.35
N PHE B 300 -17.61 5.52 -10.46
CA PHE B 300 -18.78 4.91 -9.83
C PHE B 300 -19.12 3.57 -10.47
N ILE B 301 -18.88 3.42 -11.77
CA ILE B 301 -19.09 2.14 -12.42
C ILE B 301 -18.10 1.11 -11.91
N THR B 302 -16.85 1.51 -11.72
CA THR B 302 -15.86 0.62 -11.12
C THR B 302 -16.24 0.25 -9.70
N LEU B 303 -16.66 1.24 -8.90
CA LEU B 303 -17.07 0.98 -7.53
C LEU B 303 -18.29 0.07 -7.48
N ALA B 304 -19.29 0.36 -8.32
CA ALA B 304 -20.51 -0.44 -8.30
C ALA B 304 -20.25 -1.87 -8.74
N ASN B 305 -19.37 -2.07 -9.73
CA ASN B 305 -19.00 -3.41 -10.15
C ASN B 305 -18.18 -4.13 -9.10
N ASP B 306 -17.35 -3.39 -8.36
CA ASP B 306 -16.53 -4.03 -7.33
C ASP B 306 -17.40 -4.49 -6.16
N VAL B 307 -18.45 -3.73 -5.83
CA VAL B 307 -19.32 -4.13 -4.72
C VAL B 307 -20.20 -5.30 -5.13
N LYS B 308 -20.68 -5.31 -6.38
CA LYS B 308 -21.44 -6.45 -6.86
C LYS B 308 -20.64 -7.75 -6.73
N THR B 309 -19.34 -7.68 -7.01
CA THR B 309 -18.50 -8.87 -6.86
C THR B 309 -18.39 -9.30 -5.40
N ILE B 310 -18.27 -8.33 -4.49
CA ILE B 310 -18.16 -8.65 -3.07
C ILE B 310 -19.38 -9.43 -2.60
N LEU B 311 -20.57 -8.98 -2.98
CA LEU B 311 -21.78 -9.62 -2.50
C LEU B 311 -21.93 -11.06 -3.02
N LEU B 312 -21.21 -11.41 -4.08
CA LEU B 312 -21.32 -12.75 -4.64
C LEU B 312 -20.85 -13.84 -3.68
N VAL B 313 -19.97 -13.51 -2.73
CA VAL B 313 -19.46 -14.52 -1.81
C VAL B 313 -20.57 -15.10 -0.95
N ASP B 314 -21.67 -14.37 -0.79
CA ASP B 314 -22.82 -14.87 -0.04
C ASP B 314 -23.41 -16.11 -0.69
N LYS B 315 -23.34 -16.21 -2.02
CA LYS B 315 -23.93 -17.32 -2.76
C LYS B 315 -23.10 -18.60 -2.67
N ALA B 316 -21.96 -18.57 -1.98
CA ALA B 316 -21.13 -19.75 -1.87
C ALA B 316 -21.81 -20.83 -1.03
N GLU B 317 -21.68 -22.07 -1.47
CA GLU B 317 -22.28 -23.20 -0.78
C GLU B 317 -21.26 -24.13 -0.14
N SER B 318 -19.97 -23.96 -0.42
CA SER B 318 -18.92 -24.78 0.17
C SER B 318 -17.78 -23.89 0.61
N ALA B 319 -16.84 -24.49 1.36
CA ALA B 319 -15.66 -23.77 1.77
C ALA B 319 -14.76 -23.45 0.59
N LEU B 320 -14.68 -24.37 -0.38
CA LEU B 320 -13.81 -24.15 -1.53
C LEU B 320 -14.30 -23.00 -2.39
N GLU B 321 -15.61 -22.75 -2.41
CA GLU B 321 -16.13 -21.63 -3.17
C GLU B 321 -15.76 -20.30 -2.53
N THR B 322 -15.84 -20.20 -1.20
CA THR B 322 -15.33 -19.01 -0.53
C THR B 322 -13.82 -18.91 -0.64
N TYR B 323 -13.13 -20.05 -0.65
CA TYR B 323 -11.67 -20.06 -0.74
C TYR B 323 -11.22 -19.47 -2.08
N GLN B 324 -11.82 -19.93 -3.18
CA GLN B 324 -11.42 -19.43 -4.48
C GLN B 324 -11.88 -18.00 -4.70
N PHE B 325 -12.99 -17.60 -4.07
CA PHE B 325 -13.42 -16.21 -4.16
C PHE B 325 -12.35 -15.28 -3.57
N ALA B 326 -11.86 -15.61 -2.38
CA ALA B 326 -10.79 -14.83 -1.78
C ALA B 326 -9.50 -14.91 -2.60
N LYS B 327 -9.37 -15.91 -3.45
CA LYS B 327 -8.17 -16.10 -4.24
C LYS B 327 -8.22 -15.38 -5.59
N PHE B 328 -9.40 -14.99 -6.07
CA PHE B 328 -9.52 -14.41 -7.40
C PHE B 328 -10.19 -13.04 -7.43
N PHE B 329 -10.96 -12.66 -6.41
CA PHE B 329 -11.72 -11.42 -6.52
C PHE B 329 -10.84 -10.18 -6.51
N ASN B 330 -9.61 -10.29 -6.00
CA ASN B 330 -8.71 -9.15 -5.89
C ASN B 330 -7.32 -9.46 -6.46
N LYS B 331 -7.23 -10.48 -7.31
CA LYS B 331 -5.93 -10.93 -7.80
C LYS B 331 -5.52 -10.26 -9.09
N LEU B 332 -6.45 -10.11 -10.04
CA LEU B 332 -6.11 -9.57 -11.35
C LEU B 332 -5.73 -8.10 -11.25
N GLU B 333 -6.50 -7.31 -10.50
CA GLU B 333 -6.15 -5.93 -10.26
C GLU B 333 -6.79 -5.48 -8.95
N GLN B 334 -6.30 -4.36 -8.43
CA GLN B 334 -6.67 -3.93 -7.09
C GLN B 334 -8.07 -3.34 -7.10
N ARG B 335 -8.94 -3.89 -6.26
CA ARG B 335 -10.34 -3.49 -6.22
C ARG B 335 -10.50 -2.13 -5.55
N HIS B 336 -11.70 -1.58 -5.68
CA HIS B 336 -12.03 -0.33 -5.02
C HIS B 336 -11.87 -0.46 -3.52
N VAL B 337 -11.41 0.63 -2.89
CA VAL B 337 -11.14 0.57 -1.46
C VAL B 337 -12.43 0.34 -0.67
N ILE B 338 -13.56 0.87 -1.14
CA ILE B 338 -14.83 0.61 -0.45
C ILE B 338 -15.18 -0.87 -0.51
N ALA B 339 -15.01 -1.49 -1.67
CA ALA B 339 -15.31 -2.91 -1.80
C ALA B 339 -14.34 -3.76 -0.99
N ARG B 340 -13.07 -3.36 -0.93
CA ARG B 340 -12.08 -4.14 -0.19
C ARG B 340 -12.35 -4.13 1.30
N ILE B 341 -12.83 -3.01 1.83
CA ILE B 341 -13.20 -2.97 3.25
C ILE B 341 -14.46 -3.79 3.48
N LEU B 342 -15.40 -3.74 2.55
CA LEU B 342 -16.71 -4.35 2.77
C LEU B 342 -16.63 -5.87 2.84
N PHE B 343 -15.67 -6.48 2.14
CA PHE B 343 -15.64 -7.95 2.08
C PHE B 343 -15.42 -8.60 3.43
N PRO B 344 -14.37 -8.26 4.21
CA PRO B 344 -14.25 -8.89 5.54
C PRO B 344 -15.41 -8.55 6.45
N LEU B 345 -15.96 -7.34 6.36
CA LEU B 345 -17.10 -7.00 7.20
C LEU B 345 -18.35 -7.75 6.75
N PHE B 346 -18.49 -8.01 5.45
CA PHE B 346 -19.61 -8.82 4.96
C PHE B 346 -19.37 -10.30 5.21
N PHE B 347 -18.10 -10.72 5.18
CA PHE B 347 -17.75 -12.12 5.40
C PHE B 347 -17.75 -12.47 6.88
N ILE B 348 -17.07 -11.65 7.69
CA ILE B 348 -16.97 -11.85 9.13
C ILE B 348 -17.93 -10.85 9.77
N ARG B 349 -19.14 -11.32 10.12
CA ARG B 349 -20.21 -10.42 10.54
C ARG B 349 -20.14 -10.15 12.04
N ASP B 350 -20.99 -9.21 12.48
CA ASP B 350 -21.00 -8.80 13.88
C ASP B 350 -21.40 -9.92 14.81
N ASP B 351 -22.37 -10.75 14.41
CA ASP B 351 -22.83 -11.88 15.22
C ASP B 351 -21.79 -13.00 15.36
N ARG B 352 -20.52 -12.74 15.04
CA ARG B 352 -19.46 -13.74 15.15
C ARG B 352 -19.78 -14.98 14.31
N THR B 353 -20.28 -14.76 13.11
CA THR B 353 -20.56 -15.83 12.16
C THR B 353 -20.01 -15.44 10.79
N VAL B 354 -19.67 -16.44 9.98
CA VAL B 354 -19.18 -16.22 8.63
C VAL B 354 -20.39 -16.22 7.70
N LEU B 355 -20.71 -15.05 7.15
CA LEU B 355 -21.83 -14.87 6.22
C LEU B 355 -23.17 -15.19 6.88
N GLY B 356 -23.21 -15.26 8.21
CA GLY B 356 -24.44 -15.63 8.88
C GLY B 356 -24.80 -17.10 8.81
N LYS B 357 -23.92 -17.95 8.28
CA LYS B 357 -24.20 -19.37 8.13
C LYS B 357 -23.44 -20.25 9.12
N PHE B 358 -22.15 -20.00 9.34
CA PHE B 358 -21.31 -20.86 10.15
C PHE B 358 -20.62 -20.06 11.24
N SER B 359 -20.33 -20.72 12.35
CA SER B 359 -19.45 -20.12 13.36
C SER B 359 -18.00 -20.20 12.90
N TYR B 360 -17.12 -19.54 13.65
CA TYR B 360 -15.73 -19.45 13.24
C TYR B 360 -15.06 -20.83 13.26
N THR B 361 -15.43 -21.69 14.20
CA THR B 361 -14.84 -23.02 14.23
C THR B 361 -15.45 -23.93 13.16
N GLN B 362 -16.77 -23.85 12.97
CA GLN B 362 -17.42 -24.66 11.93
C GLN B 362 -16.89 -24.30 10.55
N PHE B 363 -16.66 -23.01 10.29
CA PHE B 363 -16.13 -22.58 9.00
C PHE B 363 -14.73 -23.13 8.78
N TYR B 364 -13.94 -23.22 9.84
CA TYR B 364 -12.61 -23.83 9.73
C TYR B 364 -12.71 -25.32 9.44
N LEU B 365 -13.65 -26.01 10.10
CA LEU B 365 -13.77 -27.45 9.93
C LEU B 365 -14.20 -27.83 8.52
N LEU B 366 -14.94 -26.95 7.84
CA LEU B 366 -15.33 -27.22 6.45
C LEU B 366 -14.12 -27.28 5.53
N HIS B 367 -13.14 -26.41 5.76
CA HIS B 367 -11.93 -26.42 4.94
C HIS B 367 -11.16 -27.71 5.12
N VAL B 368 -11.00 -28.16 6.37
CA VAL B 368 -10.29 -29.40 6.63
C VAL B 368 -11.06 -30.58 6.06
N LYS B 369 -12.39 -30.56 6.18
CA LYS B 369 -13.21 -31.66 5.68
C LYS B 369 -13.15 -31.77 4.16
N GLU B 370 -13.32 -30.64 3.46
CA GLU B 370 -13.30 -30.69 2.00
C GLU B 370 -11.90 -30.95 1.45
N PHE B 371 -10.86 -30.77 2.26
CA PHE B 371 -9.49 -31.02 1.83
C PHE B 371 -9.01 -32.42 2.17
N SER B 372 -9.53 -33.00 3.24
CA SER B 372 -9.13 -34.34 3.68
C SER B 372 -10.17 -35.41 3.40
N ALA B 373 -11.43 -35.02 3.20
CA ALA B 373 -12.52 -35.97 2.95
C ALA B 373 -12.70 -36.92 4.13
N GLN B 374 -12.50 -36.41 5.34
CA GLN B 374 -12.67 -37.19 6.56
C GLN B 374 -13.57 -36.43 7.51
N THR B 375 -14.62 -37.09 7.99
CA THR B 375 -15.58 -36.43 8.87
C THR B 375 -14.94 -36.16 10.23
N PRO B 376 -15.09 -34.95 10.79
CA PRO B 376 -14.50 -34.57 12.07
C PRO B 376 -15.43 -34.84 13.25
N GLY B 384 -14.65 -27.57 21.66
CA GLY B 384 -14.04 -26.31 22.06
C GLY B 384 -12.53 -26.39 22.19
N ASN B 385 -11.88 -27.01 21.20
CA ASN B 385 -10.44 -27.19 21.23
C ASN B 385 -9.72 -25.86 21.05
N GLU B 386 -8.62 -25.68 21.78
CA GLU B 386 -7.87 -24.43 21.71
C GLU B 386 -7.09 -24.33 20.41
N LEU B 387 -6.53 -25.44 19.93
CA LEU B 387 -5.85 -25.43 18.64
C LEU B 387 -6.82 -25.17 17.50
N ILE B 388 -8.03 -25.74 17.58
CA ILE B 388 -9.05 -25.47 16.58
C ILE B 388 -9.49 -24.00 16.64
N GLN B 389 -9.63 -23.48 17.86
CA GLN B 389 -9.97 -22.07 18.04
C GLN B 389 -8.90 -21.16 17.44
N GLU B 390 -7.63 -21.51 17.62
CA GLU B 390 -6.54 -20.68 17.13
C GLU B 390 -6.41 -20.78 15.61
N SER B 391 -6.54 -22.01 15.08
CA SER B 391 -6.50 -22.18 13.62
C SER B 391 -7.64 -21.44 12.95
N SER B 392 -8.83 -21.45 13.57
CA SER B 392 -9.96 -20.71 13.01
C SER B 392 -9.65 -19.22 12.92
N ASN B 393 -9.07 -18.65 13.97
CA ASN B 393 -8.63 -17.26 13.91
C ASN B 393 -7.61 -17.05 12.81
N MET B 394 -6.70 -18.01 12.63
CA MET B 394 -5.68 -17.88 11.60
C MET B 394 -6.30 -17.92 10.21
N LEU B 395 -7.33 -18.75 10.01
CA LEU B 395 -7.97 -18.83 8.70
C LEU B 395 -8.71 -17.54 8.36
N LEU B 396 -9.39 -16.94 9.35
CA LEU B 396 -10.09 -15.68 9.09
C LEU B 396 -9.10 -14.56 8.77
N GLU B 397 -7.96 -14.52 9.47
CA GLU B 397 -6.94 -13.54 9.13
C GLU B 397 -6.40 -13.77 7.72
N TRP B 398 -6.33 -15.02 7.27
CA TRP B 398 -5.92 -15.31 5.91
C TRP B 398 -6.94 -14.77 4.91
N TYR B 399 -8.22 -14.87 5.24
CA TYR B 399 -9.26 -14.34 4.35
C TYR B 399 -9.21 -12.82 4.30
N GLN B 400 -8.96 -12.18 5.45
CA GLN B 400 -8.93 -10.72 5.50
C GLN B 400 -7.70 -10.17 4.78
N ASN B 401 -6.61 -10.94 4.73
CA ASN B 401 -5.41 -10.48 4.04
C ASN B 401 -5.60 -10.44 2.53
N CYS B 402 -6.53 -11.23 1.99
CA CYS B 402 -6.76 -11.25 0.55
C CYS B 402 -7.30 -9.93 0.01
N SER B 403 -7.98 -9.13 0.86
CA SER B 403 -8.57 -7.87 0.44
C SER B 403 -7.67 -6.67 0.72
N GLN B 404 -6.38 -6.91 0.95
CA GLN B 404 -5.41 -5.84 1.12
C GLN B 404 -4.84 -5.43 -0.23
N ASN B 405 -4.21 -4.25 -0.27
CA ASN B 405 -3.64 -3.77 -1.52
C ASN B 405 -2.49 -4.67 -1.96
N THR B 406 -2.07 -4.50 -3.22
CA THR B 406 -1.12 -5.42 -3.83
C THR B 406 0.21 -5.49 -3.10
N CYS B 407 0.56 -4.46 -2.33
CA CYS B 407 1.79 -4.50 -1.56
C CYS B 407 1.58 -5.14 -0.19
N ARG B 408 0.53 -4.70 0.52
CA ARG B 408 0.22 -5.29 1.83
C ARG B 408 -0.14 -6.77 1.70
N TYR B 409 -0.69 -7.17 0.56
CA TYR B 409 -1.06 -8.57 0.37
C TYR B 409 0.15 -9.48 0.55
N ARG B 410 1.30 -9.08 0.01
CA ARG B 410 2.53 -9.87 0.21
C ARG B 410 3.01 -9.76 1.64
N GLN B 411 2.94 -8.57 2.24
CA GLN B 411 3.45 -8.39 3.61
C GLN B 411 2.64 -9.19 4.62
N GLY B 412 1.37 -9.44 4.33
CA GLY B 412 0.56 -10.24 5.23
C GLY B 412 1.07 -11.67 5.36
N PHE B 413 1.57 -12.23 4.25
CA PHE B 413 2.12 -13.58 4.29
C PHE B 413 3.38 -13.65 5.15
N ASN B 414 4.17 -12.58 5.18
CA ASN B 414 5.40 -12.59 5.96
C ASN B 414 5.12 -12.88 7.44
N ARG B 415 3.93 -12.50 7.91
CA ARG B 415 3.54 -12.79 9.29
C ARG B 415 2.92 -14.18 9.42
N GLN B 416 2.18 -14.64 8.41
CA GLN B 416 1.49 -15.91 8.51
C GLN B 416 2.44 -17.09 8.48
N LEU B 417 3.55 -16.99 7.74
CA LEU B 417 4.39 -18.16 7.50
C LEU B 417 4.94 -18.75 8.79
N ILE B 418 5.20 -17.91 9.80
CA ILE B 418 5.76 -18.42 11.04
C ILE B 418 4.66 -18.89 12.00
N LEU B 419 3.45 -18.33 11.92
CA LEU B 419 2.37 -18.83 12.76
C LEU B 419 1.79 -20.12 12.20
N TRP B 420 1.69 -20.24 10.86
CA TRP B 420 1.34 -21.52 10.27
C TRP B 420 2.35 -22.60 10.65
N ASP B 421 3.64 -22.26 10.60
CA ASP B 421 4.69 -23.21 10.93
C ASP B 421 4.60 -23.63 12.39
N SER B 422 4.43 -22.66 13.30
CA SER B 422 4.28 -22.99 14.72
C SER B 422 3.01 -23.79 14.96
N LEU B 423 1.91 -23.40 14.32
CA LEU B 423 0.65 -24.12 14.51
C LEU B 423 0.75 -25.54 14.00
N GLN B 424 1.36 -25.72 12.83
CA GLN B 424 1.56 -27.07 12.30
C GLN B 424 2.40 -27.91 13.26
N ALA B 425 3.48 -27.35 13.79
CA ALA B 425 4.32 -28.10 14.71
C ALA B 425 3.57 -28.41 16.01
N GLN B 426 2.64 -27.55 16.41
CA GLN B 426 1.83 -27.84 17.59
C GLN B 426 0.86 -28.98 17.30
N PHE B 427 0.28 -29.01 16.10
CA PHE B 427 -0.55 -30.15 15.70
C PHE B 427 0.28 -31.42 15.60
N GLU B 428 1.56 -31.30 15.26
CA GLU B 428 2.40 -32.47 15.09
C GLU B 428 2.75 -33.12 16.42
N SER B 429 2.98 -32.30 17.45
CA SER B 429 3.34 -32.85 18.75
C SER B 429 2.19 -33.64 19.36
N VAL B 430 0.95 -33.19 19.15
CA VAL B 430 -0.22 -33.95 19.59
C VAL B 430 -0.61 -35.03 18.59
N ASN B 431 0.14 -35.17 17.50
CA ASN B 431 -0.08 -36.23 16.51
C ASN B 431 -1.47 -36.16 15.90
N SER B 432 -1.93 -34.95 15.59
CA SER B 432 -3.19 -34.73 14.89
C SER B 432 -2.87 -34.63 13.40
N GLN B 433 -3.00 -35.76 12.69
CA GLN B 433 -2.47 -35.87 11.34
C GLN B 433 -3.31 -35.05 10.35
N VAL B 434 -4.63 -34.99 10.55
CA VAL B 434 -5.49 -34.31 9.58
C VAL B 434 -5.27 -32.80 9.63
N TYR B 435 -5.23 -32.23 10.82
CA TYR B 435 -5.04 -30.80 10.97
C TYR B 435 -3.62 -30.38 10.62
N CYS B 436 -2.63 -31.19 11.01
CA CYS B 436 -1.25 -30.92 10.62
C CYS B 436 -1.11 -30.92 9.10
N SER B 437 -1.80 -31.84 8.43
CA SER B 437 -1.75 -31.90 6.98
C SER B 437 -2.32 -30.64 6.35
N TRP B 438 -3.50 -30.21 6.80
CA TRP B 438 -4.14 -29.05 6.21
C TRP B 438 -3.34 -27.78 6.49
N THR B 439 -2.83 -27.63 7.72
CA THR B 439 -1.99 -26.48 8.02
C THR B 439 -0.75 -26.48 7.13
N TYR B 440 -0.18 -27.66 6.88
CA TYR B 440 0.98 -27.73 5.99
C TYR B 440 0.63 -27.26 4.58
N PHE B 441 -0.58 -27.56 4.11
CA PHE B 441 -1.01 -27.10 2.80
C PHE B 441 -1.14 -25.58 2.75
N MET B 442 -1.74 -24.98 3.78
CA MET B 442 -1.84 -23.53 3.83
C MET B 442 -0.47 -22.88 3.98
N LYS B 443 0.39 -23.47 4.80
CA LYS B 443 1.72 -22.90 4.99
C LYS B 443 2.55 -22.98 3.71
N LEU B 444 2.53 -24.12 3.04
CA LEU B 444 3.37 -24.27 1.85
C LEU B 444 2.81 -23.47 0.68
N SER B 445 1.48 -23.41 0.55
CA SER B 445 0.89 -22.61 -0.50
C SER B 445 1.20 -21.13 -0.30
N SER B 446 1.21 -20.67 0.95
CA SER B 446 1.51 -19.26 1.22
C SER B 446 2.97 -18.94 0.91
N MET B 447 3.88 -19.86 1.23
CA MET B 447 5.30 -19.65 0.92
C MET B 447 5.50 -19.45 -0.59
N ILE B 448 4.85 -20.28 -1.40
CA ILE B 448 4.93 -20.14 -2.85
C ILE B 448 4.30 -18.82 -3.29
N GLU B 449 3.12 -18.51 -2.76
CA GLU B 449 2.45 -17.26 -3.13
C GLU B 449 3.25 -16.05 -2.67
N PHE B 450 3.77 -16.08 -1.44
CA PHE B 450 4.61 -15.00 -0.96
C PHE B 450 5.82 -14.79 -1.86
N SER B 451 6.48 -15.88 -2.26
CA SER B 451 7.68 -15.75 -3.08
C SER B 451 7.34 -15.18 -4.45
N LEU B 452 6.37 -15.78 -5.14
CA LEU B 452 6.04 -15.38 -6.50
C LEU B 452 5.46 -13.97 -6.57
N LYS B 453 4.85 -13.50 -5.49
CA LYS B 453 4.28 -12.16 -5.50
C LYS B 453 5.38 -11.10 -5.59
N GLY B 454 6.60 -11.43 -5.15
CA GLY B 454 7.69 -10.48 -5.24
C GLY B 454 8.06 -10.10 -6.65
N PHE B 455 7.86 -11.03 -7.60
CA PHE B 455 8.10 -10.70 -9.00
C PHE B 455 7.08 -9.68 -9.51
N ASP B 456 5.82 -9.82 -9.08
CA ASP B 456 4.78 -8.88 -9.47
C ASP B 456 5.06 -7.48 -8.91
N LEU B 457 5.82 -7.39 -7.83
CA LEU B 457 6.17 -6.11 -7.22
C LEU B 457 7.59 -5.66 -7.57
N ASP B 458 8.25 -6.37 -8.49
CA ASP B 458 9.64 -6.08 -8.87
C ASP B 458 10.55 -6.03 -7.65
N ILE B 459 10.29 -6.91 -6.70
CA ILE B 459 11.12 -6.96 -5.49
C ILE B 459 12.50 -7.51 -5.82
N TYR B 460 12.56 -8.64 -6.50
CA TYR B 460 13.83 -9.26 -6.81
C TYR B 460 14.44 -8.65 -8.06
N LYS B 461 15.75 -8.48 -8.04
CA LYS B 461 16.50 -8.01 -9.18
C LYS B 461 16.75 -9.16 -10.15
N PRO B 462 17.05 -8.86 -11.42
CA PRO B 462 17.27 -9.95 -12.39
C PRO B 462 18.30 -10.98 -11.95
N PHE B 463 19.33 -10.58 -11.20
CA PHE B 463 20.33 -11.57 -10.77
C PHE B 463 19.77 -12.54 -9.75
N GLU B 464 18.63 -12.20 -9.13
CA GLU B 464 17.99 -13.02 -8.11
C GLU B 464 16.91 -13.94 -8.68
N ALA B 465 16.69 -13.90 -9.99
CA ALA B 465 15.59 -14.67 -10.57
C ALA B 465 15.81 -16.17 -10.40
N TYR B 466 17.04 -16.63 -10.56
CA TYR B 466 17.30 -18.07 -10.40
C TYR B 466 17.02 -18.52 -8.97
N SER B 467 17.52 -17.78 -7.99
CA SER B 467 17.37 -18.20 -6.60
C SER B 467 15.90 -18.34 -6.24
N MET B 468 15.06 -17.43 -6.71
CA MET B 468 13.66 -17.45 -6.31
C MET B 468 12.84 -18.40 -7.16
N PHE B 469 13.10 -18.46 -8.47
CA PHE B 469 12.36 -19.38 -9.32
C PHE B 469 12.72 -20.83 -9.01
N TRP B 470 13.97 -21.10 -8.65
CA TRP B 470 14.30 -22.48 -8.32
C TRP B 470 13.78 -22.86 -6.93
N TYR B 471 13.81 -21.91 -5.99
CA TYR B 471 13.26 -22.19 -4.67
C TYR B 471 11.77 -22.48 -4.73
N VAL B 472 11.02 -21.71 -5.53
CA VAL B 472 9.61 -22.00 -5.72
C VAL B 472 9.43 -23.35 -6.39
N TYR B 473 10.27 -23.66 -7.38
CA TYR B 473 10.28 -24.99 -7.97
C TYR B 473 10.59 -26.04 -6.92
N TYR B 474 11.52 -25.75 -6.01
CA TYR B 474 11.77 -26.62 -4.87
C TYR B 474 10.54 -26.77 -4.01
N LEU B 475 9.86 -25.65 -3.71
CA LEU B 475 8.64 -25.72 -2.92
C LEU B 475 7.52 -26.41 -3.67
N SER B 476 7.39 -26.15 -4.97
CA SER B 476 6.31 -26.74 -5.74
C SER B 476 6.45 -28.25 -5.83
N HIS B 477 7.69 -28.74 -5.87
CA HIS B 477 7.91 -30.19 -5.85
C HIS B 477 7.39 -30.79 -4.55
N HIS B 478 7.70 -30.17 -3.42
CA HIS B 478 7.23 -30.67 -2.13
C HIS B 478 5.71 -30.60 -2.00
N LEU B 479 5.10 -29.58 -2.59
CA LEU B 479 3.65 -29.47 -2.54
C LEU B 479 2.98 -30.48 -3.46
N GLU B 480 3.57 -30.72 -4.63
CA GLU B 480 3.04 -31.77 -5.50
C GLU B 480 3.22 -33.14 -4.87
N THR B 481 4.37 -33.39 -4.24
CA THR B 481 4.57 -34.65 -3.54
C THR B 481 3.51 -34.85 -2.47
N PHE B 482 3.27 -33.81 -1.66
CA PHE B 482 2.29 -33.91 -0.59
C PHE B 482 0.89 -34.15 -1.13
N LEU B 483 0.50 -33.36 -2.14
CA LEU B 483 -0.85 -33.49 -2.71
C LEU B 483 -1.03 -34.85 -3.38
N LYS B 484 0.02 -35.37 -4.03
CA LYS B 484 -0.09 -36.67 -4.68
C LYS B 484 -0.28 -37.78 -3.66
N ASP B 485 0.43 -37.71 -2.53
CA ASP B 485 0.23 -38.69 -1.46
C ASP B 485 -1.17 -38.59 -0.89
N SER B 486 -1.65 -37.36 -0.69
CA SER B 486 -3.02 -37.18 -0.21
C SER B 486 -4.03 -37.79 -1.17
N GLN B 487 -3.80 -37.63 -2.46
CA GLN B 487 -4.73 -38.13 -3.46
C GLN B 487 -4.69 -39.66 -3.53
N ASN B 488 -3.51 -40.25 -3.33
CA ASN B 488 -3.41 -41.71 -3.28
C ASN B 488 -4.19 -42.28 -2.12
N ASP B 489 -4.11 -41.64 -0.95
CA ASP B 489 -4.91 -42.08 0.18
C ASP B 489 -6.40 -41.93 -0.10
N ILE B 490 -6.78 -40.82 -0.73
CA ILE B 490 -8.19 -40.59 -1.08
C ILE B 490 -8.67 -41.67 -2.04
N GLU B 491 -7.89 -41.92 -3.11
CA GLU B 491 -8.24 -42.98 -4.05
C GLU B 491 -8.24 -44.35 -3.36
N SER B 492 -7.37 -44.54 -2.38
CA SER B 492 -7.34 -45.81 -1.66
C SER B 492 -8.65 -46.04 -0.91
N ASN B 493 -9.20 -44.99 -0.28
CA ASN B 493 -10.47 -45.14 0.41
C ASN B 493 -11.62 -45.38 -0.57
N ILE B 494 -11.55 -44.75 -1.75
CA ILE B 494 -12.57 -44.98 -2.77
C ILE B 494 -12.55 -46.43 -3.24
N ASN B 495 -11.35 -46.97 -3.50
CA ASN B 495 -11.25 -48.36 -3.94
C ASN B 495 -11.77 -49.33 -2.89
N ALA B 496 -11.58 -49.00 -1.61
CA ALA B 496 -12.14 -49.82 -0.54
C ALA B 496 -13.65 -49.90 -0.64
N ILE B 497 -14.31 -48.77 -0.89
CA ILE B 497 -15.77 -48.78 -1.01
C ILE B 497 -16.18 -49.51 -2.28
N HIS B 498 -15.45 -49.29 -3.37
CA HIS B 498 -15.70 -50.06 -4.59
C HIS B 498 -15.50 -51.55 -4.37
N SER B 499 -14.64 -51.93 -3.43
CA SER B 499 -14.42 -53.35 -3.18
C SER B 499 -15.61 -53.98 -2.48
N MET B 500 -16.27 -53.24 -1.59
CA MET B 500 -17.48 -53.77 -0.95
C MET B 500 -18.59 -54.01 -1.96
N ASN B 501 -18.65 -53.19 -3.02
CA ASN B 501 -19.68 -53.37 -4.03
C ASN B 501 -19.47 -54.65 -4.82
N LYS B 502 -18.23 -54.93 -5.22
CA LYS B 502 -17.93 -56.19 -5.92
C LYS B 502 -18.16 -57.38 -5.01
N LYS B 503 -17.81 -57.25 -3.73
CA LYS B 503 -17.99 -58.33 -2.76
C LYS B 503 -19.46 -58.62 -2.51
N LEU B 504 -20.36 -57.70 -2.84
CA LEU B 504 -21.79 -57.89 -2.62
C LEU B 504 -22.49 -58.60 -3.78
N LYS B 505 -21.97 -58.48 -4.99
CA LYS B 505 -22.59 -59.15 -6.14
C LYS B 505 -22.32 -60.65 -6.10
N LYS B 506 -21.14 -61.05 -5.65
CA LYS B 506 -20.79 -62.45 -5.52
C LYS B 506 -21.36 -63.08 -4.25
N LEU B 507 -22.00 -62.30 -3.38
CA LEU B 507 -22.54 -62.81 -2.14
C LEU B 507 -24.00 -63.20 -2.28
N LYS B 508 -24.43 -64.13 -1.43
CA LYS B 508 -25.81 -64.56 -1.35
C LYS B 508 -26.45 -64.00 -0.08
N ALA B 509 -27.78 -64.08 -0.03
CA ALA B 509 -28.51 -63.53 1.11
C ALA B 509 -28.11 -64.23 2.40
N GLY B 510 -27.66 -63.46 3.37
CA GLY B 510 -27.26 -64.03 4.64
C GLY B 510 -26.92 -62.94 5.64
N GLU B 511 -26.62 -63.37 6.86
CA GLU B 511 -26.23 -62.44 7.91
C GLU B 511 -24.95 -61.70 7.55
N LYS B 512 -24.00 -62.40 6.93
CA LYS B 512 -22.74 -61.76 6.58
C LYS B 512 -22.91 -60.76 5.43
N LYS B 513 -23.87 -61.00 4.54
CA LYS B 513 -24.12 -60.04 3.46
C LYS B 513 -24.85 -58.81 3.99
N ASP B 514 -25.76 -58.99 4.94
CA ASP B 514 -26.47 -57.84 5.51
C ASP B 514 -25.51 -56.90 6.22
N GLN B 515 -24.46 -57.44 6.85
CA GLN B 515 -23.47 -56.58 7.48
C GLN B 515 -22.70 -55.78 6.43
N LEU B 516 -22.42 -56.39 5.28
CA LEU B 516 -21.66 -55.71 4.24
C LEU B 516 -22.50 -54.66 3.52
N ARG B 517 -23.75 -54.99 3.19
CA ARG B 517 -24.62 -54.01 2.53
C ARG B 517 -24.88 -52.81 3.43
N LEU B 518 -24.97 -53.04 4.74
CA LEU B 518 -25.11 -51.92 5.68
C LEU B 518 -23.83 -51.10 5.72
N LYS B 519 -22.68 -51.76 5.70
CA LYS B 519 -21.41 -51.04 5.64
C LYS B 519 -21.26 -50.27 4.34
N TYR B 520 -21.60 -50.90 3.21
CA TYR B 520 -21.46 -50.25 1.92
C TYR B 520 -22.39 -49.05 1.79
N ARG B 521 -23.65 -49.22 2.19
CA ARG B 521 -24.61 -48.12 2.07
C ARG B 521 -24.25 -46.96 2.99
N PHE B 522 -23.62 -47.24 4.13
CA PHE B 522 -23.16 -46.17 4.99
C PHE B 522 -22.06 -45.35 4.30
N ALA B 523 -21.10 -46.03 3.68
CA ALA B 523 -20.00 -45.32 3.04
C ALA B 523 -20.46 -44.52 1.83
N MET B 524 -21.41 -45.07 1.06
CA MET B 524 -21.91 -44.34 -0.10
C MET B 524 -22.68 -43.10 0.30
N ASP B 525 -23.36 -43.14 1.45
CA ASP B 525 -24.23 -42.04 1.84
C ASP B 525 -23.47 -40.92 2.55
N ASN B 526 -22.39 -41.26 3.28
CA ASN B 526 -21.70 -40.32 4.13
C ASN B 526 -20.25 -40.07 3.74
N GLU B 527 -19.71 -40.79 2.77
CA GLU B 527 -18.27 -40.70 2.52
C GLU B 527 -17.91 -40.60 1.04
N MET B 528 -18.64 -41.33 0.18
CA MET B 528 -18.22 -41.44 -1.21
C MET B 528 -18.30 -40.10 -1.94
N GLU B 529 -19.38 -39.33 -1.72
CA GLU B 529 -19.54 -38.06 -2.41
C GLU B 529 -18.37 -37.12 -2.11
N GLN B 530 -18.00 -37.02 -0.83
CA GLN B 530 -16.88 -36.15 -0.45
C GLN B 530 -15.56 -36.69 -0.99
N LEU B 531 -15.39 -38.01 -0.97
CA LEU B 531 -14.15 -38.60 -1.48
C LEU B 531 -13.95 -38.26 -2.95
N GLN B 532 -15.00 -38.40 -3.76
CA GLN B 532 -14.89 -38.05 -5.17
C GLN B 532 -14.63 -36.56 -5.35
N ALA B 533 -15.35 -35.72 -4.60
CA ALA B 533 -15.16 -34.28 -4.71
C ALA B 533 -13.77 -33.87 -4.28
N THR B 534 -13.29 -34.38 -3.14
CA THR B 534 -11.94 -34.03 -2.70
C THR B 534 -10.89 -34.54 -3.68
N LYS B 535 -11.09 -35.74 -4.21
CA LYS B 535 -10.16 -36.28 -5.20
C LYS B 535 -10.09 -35.38 -6.43
N GLN B 536 -11.26 -35.00 -6.97
CA GLN B 536 -11.28 -34.14 -8.14
C GLN B 536 -10.73 -32.76 -7.83
N PHE B 537 -10.90 -32.30 -6.59
CA PHE B 537 -10.28 -31.04 -6.18
C PHE B 537 -8.76 -31.18 -6.13
N LEU B 538 -8.27 -32.33 -5.62
CA LEU B 538 -6.83 -32.59 -5.62
C LEU B 538 -6.30 -32.78 -7.02
N ASN B 539 -7.14 -33.26 -7.94
CA ASN B 539 -6.71 -33.36 -9.33
C ASN B 539 -6.42 -31.98 -9.91
N TYR B 540 -7.28 -31.00 -9.58
CA TYR B 540 -7.05 -29.62 -10.01
C TYR B 540 -5.83 -29.03 -9.35
N LEU B 541 -5.63 -29.33 -8.06
CA LEU B 541 -4.45 -28.82 -7.36
C LEU B 541 -3.17 -29.37 -7.98
N LEU B 542 -3.20 -30.64 -8.40
CA LEU B 542 -2.02 -31.21 -9.04
C LEU B 542 -1.72 -30.54 -10.38
N LYS B 543 -2.76 -30.26 -11.17
CA LYS B 543 -2.55 -29.53 -12.42
C LYS B 543 -2.12 -28.09 -12.15
N GLU B 544 -2.72 -27.47 -11.12
CA GLU B 544 -2.34 -26.11 -10.77
C GLU B 544 -0.88 -26.03 -10.33
N ILE B 545 -0.41 -27.02 -9.57
CA ILE B 545 0.94 -26.91 -9.02
C ILE B 545 2.00 -27.36 -10.03
N ASN B 546 1.65 -28.21 -10.99
CA ASN B 546 2.60 -28.55 -12.04
C ASN B 546 2.77 -27.41 -13.04
N ILE B 547 1.73 -26.60 -13.26
CA ILE B 547 1.90 -25.39 -14.05
C ILE B 547 2.88 -24.45 -13.37
N THR B 548 2.78 -24.33 -12.04
CA THR B 548 3.75 -23.54 -11.30
C THR B 548 5.15 -24.14 -11.43
N LYS B 549 5.25 -25.45 -11.19
CA LYS B 549 6.53 -26.13 -11.24
C LYS B 549 7.18 -26.01 -12.61
N SER B 550 6.40 -26.24 -13.67
CA SER B 550 6.95 -26.12 -15.02
C SER B 550 7.42 -24.70 -15.31
N LEU B 551 6.57 -23.71 -15.05
CA LEU B 551 6.93 -22.33 -15.32
C LEU B 551 8.22 -21.93 -14.58
N CYS B 552 8.36 -22.36 -13.33
CA CYS B 552 9.59 -22.08 -12.60
C CYS B 552 10.79 -22.72 -13.28
N LEU B 553 10.66 -23.99 -13.69
CA LEU B 553 11.77 -24.67 -14.34
C LEU B 553 12.12 -24.01 -15.67
N ILE B 554 11.12 -23.49 -16.38
CA ILE B 554 11.38 -22.74 -17.60
C ILE B 554 12.20 -21.49 -17.28
N GLU B 555 11.84 -20.80 -16.20
CA GLU B 555 12.55 -19.59 -15.81
C GLU B 555 13.99 -19.90 -15.41
N VAL B 556 14.19 -21.00 -14.68
CA VAL B 556 15.53 -21.41 -14.29
C VAL B 556 16.36 -21.77 -15.51
N PHE B 557 15.77 -22.50 -16.46
CA PHE B 557 16.49 -22.84 -17.68
C PHE B 557 16.85 -21.59 -18.46
N GLN B 558 15.92 -20.64 -18.57
CA GLN B 558 16.22 -19.38 -19.23
C GLN B 558 17.37 -18.66 -18.54
N PHE B 559 17.35 -18.62 -17.19
CA PHE B 559 18.46 -18.01 -16.47
C PHE B 559 19.77 -18.74 -16.77
N ALA B 560 19.74 -20.07 -16.74
CA ALA B 560 20.96 -20.85 -16.95
C ALA B 560 21.53 -20.61 -18.34
N ILE B 561 20.66 -20.48 -19.34
CA ILE B 561 21.13 -20.14 -20.69
C ILE B 561 21.80 -18.77 -20.68
N LEU B 562 21.20 -17.80 -20.00
CA LEU B 562 21.78 -16.47 -19.95
C LEU B 562 23.15 -16.48 -19.29
N LYS B 563 23.32 -17.22 -18.20
CA LYS B 563 24.63 -17.28 -17.57
C LYS B 563 25.62 -18.09 -18.41
N SER B 564 25.13 -19.01 -19.23
CA SER B 564 26.02 -19.77 -20.10
C SER B 564 26.75 -18.85 -21.08
N PHE B 565 26.06 -17.85 -21.60
CA PHE B 565 26.69 -16.88 -22.49
C PHE B 565 27.43 -15.79 -21.74
N GLY B 566 27.37 -15.75 -20.41
CA GLY B 566 28.09 -14.77 -19.65
C GLY B 566 27.39 -13.43 -19.51
N LEU B 567 26.06 -13.43 -19.58
CA LEU B 567 25.30 -12.18 -19.56
C LEU B 567 24.69 -11.88 -18.19
N ILE B 568 24.62 -12.86 -17.30
CA ILE B 568 24.03 -12.66 -15.98
C ILE B 568 24.68 -13.63 -15.01
N ASP B 569 24.51 -13.35 -13.71
CA ASP B 569 25.05 -14.19 -12.65
C ASP B 569 24.07 -14.14 -11.49
N ASN B 570 24.08 -15.19 -10.66
CA ASN B 570 23.18 -15.25 -9.52
C ASN B 570 23.64 -14.38 -8.36
N LYS B 571 24.65 -13.54 -8.57
CA LYS B 571 25.11 -12.58 -7.58
C LYS B 571 25.23 -11.22 -8.24
N ASN B 572 25.37 -10.19 -7.42
CA ASN B 572 25.55 -8.84 -7.93
C ASN B 572 26.86 -8.73 -8.71
N SER B 573 26.77 -8.33 -9.98
CA SER B 573 27.95 -8.20 -10.83
C SER B 573 28.75 -6.93 -10.54
N THR B 574 28.13 -5.91 -9.97
CA THR B 574 28.86 -4.70 -9.63
C THR B 574 29.73 -4.96 -8.40
N PRO B 575 31.00 -4.58 -8.43
CA PRO B 575 31.86 -4.82 -7.26
C PRO B 575 31.45 -3.96 -6.07
N SER B 576 31.20 -4.62 -4.94
CA SER B 576 30.91 -3.95 -3.68
C SER B 576 32.07 -4.17 -2.71
N LYS B 577 32.13 -3.33 -1.68
CA LYS B 577 33.21 -3.38 -0.72
C LYS B 577 32.73 -3.61 0.71
N PHE B 578 31.44 -3.83 0.92
CA PHE B 578 30.89 -3.93 2.26
C PHE B 578 30.15 -5.23 2.56
N SER B 579 29.79 -6.02 1.56
CA SER B 579 29.04 -7.23 1.79
C SER B 579 29.56 -8.34 0.89
N ASN B 580 29.08 -9.56 1.14
CA ASN B 580 29.42 -10.70 0.30
C ASN B 580 28.13 -11.33 -0.23
N GLU B 581 28.29 -12.24 -1.19
CA GLU B 581 27.13 -12.83 -1.84
C GLU B 581 26.35 -13.75 -0.90
N ARG B 582 27.03 -14.39 0.06
CA ARG B 582 26.31 -15.26 0.99
C ARG B 582 25.43 -14.47 1.94
N LEU B 583 25.94 -13.35 2.47
CA LEU B 583 25.12 -12.52 3.36
C LEU B 583 23.90 -11.99 2.63
N ILE B 584 24.08 -11.53 1.39
CA ILE B 584 22.96 -11.03 0.60
C ILE B 584 21.95 -12.14 0.36
N HIS B 585 22.45 -13.35 0.08
CA HIS B 585 21.55 -14.49 -0.15
C HIS B 585 20.76 -14.84 1.09
N ASN B 586 21.42 -14.87 2.26
CA ASN B 586 20.71 -15.21 3.49
C ASN B 586 19.68 -14.15 3.84
N LEU B 587 19.92 -12.89 3.47
CA LEU B 587 18.94 -11.84 3.74
C LEU B 587 17.72 -11.98 2.84
N ARG B 588 17.92 -12.43 1.59
CA ARG B 588 16.81 -12.63 0.68
C ARG B 588 15.88 -13.76 1.15
N PHE B 589 16.44 -14.86 1.62
CA PHE B 589 15.65 -15.99 2.10
C PHE B 589 15.47 -15.99 3.61
N LYS B 590 15.67 -14.84 4.26
CA LYS B 590 15.43 -14.73 5.69
C LYS B 590 14.01 -15.11 6.11
N PRO B 591 12.94 -14.71 5.40
CA PRO B 591 11.59 -15.11 5.86
C PRO B 591 11.38 -16.60 6.00
N PHE B 592 12.11 -17.42 5.24
CA PHE B 592 11.93 -18.87 5.26
C PHE B 592 12.96 -19.58 6.13
N ASN B 593 13.69 -18.83 6.96
CA ASN B 593 14.83 -19.40 7.67
C ASN B 593 14.39 -20.29 8.83
N SER B 594 13.31 -19.92 9.52
CA SER B 594 12.86 -20.64 10.70
C SER B 594 11.90 -21.77 10.38
N ILE B 595 11.44 -21.89 9.14
CA ILE B 595 10.49 -22.94 8.77
C ILE B 595 11.23 -24.26 8.63
N GLY B 596 10.75 -25.29 9.32
CA GLY B 596 11.42 -26.57 9.35
C GLY B 596 11.13 -27.48 8.17
N VAL B 597 9.86 -27.58 7.77
CA VAL B 597 9.46 -28.42 6.66
C VAL B 597 8.66 -27.56 5.67
N PRO B 598 9.13 -27.41 4.41
CA PRO B 598 10.39 -27.95 3.92
C PRO B 598 11.56 -27.04 4.25
N GLU B 599 12.67 -27.62 4.72
CA GLU B 599 13.81 -26.81 5.13
C GLU B 599 14.32 -25.97 3.97
N LEU B 600 14.79 -24.77 4.28
CA LEU B 600 15.42 -23.92 3.29
C LEU B 600 16.75 -24.52 2.87
N PRO B 601 16.94 -24.81 1.58
CA PRO B 601 18.24 -25.34 1.14
C PRO B 601 19.38 -24.39 1.46
N GLU B 602 20.52 -24.98 1.81
CA GLU B 602 21.71 -24.21 2.16
C GLU B 602 22.19 -23.38 0.97
N TYR B 603 22.98 -22.34 1.29
CA TYR B 603 23.59 -21.52 0.26
C TYR B 603 24.41 -22.36 -0.71
N GLU B 604 24.98 -23.47 -0.24
CA GLU B 604 25.79 -24.32 -1.10
C GLU B 604 24.94 -25.07 -2.12
N VAL B 605 23.72 -25.47 -1.72
CA VAL B 605 22.86 -26.19 -2.65
C VAL B 605 22.40 -25.26 -3.78
N PHE B 606 22.15 -23.98 -3.46
CA PHE B 606 21.82 -23.02 -4.50
C PHE B 606 22.95 -22.89 -5.51
N GLN B 607 24.19 -22.83 -5.02
CA GLN B 607 25.34 -22.67 -5.91
C GLN B 607 25.56 -23.91 -6.76
N GLN B 608 25.46 -25.10 -6.17
CA GLN B 608 25.78 -26.32 -6.91
C GLN B 608 24.72 -26.62 -7.96
N THR B 609 23.44 -26.42 -7.62
CA THR B 609 22.36 -26.67 -8.57
C THR B 609 22.51 -25.80 -9.82
N LEU B 610 22.88 -24.52 -9.62
CA LEU B 610 23.07 -23.63 -10.78
C LEU B 610 24.23 -24.10 -11.65
N LYS B 611 25.34 -24.54 -11.02
CA LYS B 611 26.49 -24.99 -11.79
C LYS B 611 26.16 -26.24 -12.60
N ASP B 612 25.20 -27.03 -12.13
CA ASP B 612 24.74 -28.18 -12.91
C ASP B 612 23.97 -27.73 -14.14
N PHE B 613 23.17 -26.67 -14.00
CA PHE B 613 22.39 -26.16 -15.13
C PHE B 613 23.28 -25.43 -16.14
N VAL B 614 24.34 -24.77 -15.69
CA VAL B 614 25.14 -23.95 -16.59
C VAL B 614 25.91 -24.85 -17.55
N ILE B 615 25.87 -24.51 -18.83
CA ILE B 615 26.56 -25.26 -19.87
C ILE B 615 28.01 -24.80 -19.88
N GLU B 616 28.91 -25.60 -19.31
CA GLU B 616 30.31 -25.22 -19.21
C GLU B 616 31.09 -25.50 -20.49
N GLU B 617 30.51 -26.24 -21.43
CA GLU B 617 31.20 -26.61 -22.65
C GLU B 617 31.31 -25.41 -23.60
N LYS B 618 31.99 -25.64 -24.72
CA LYS B 618 32.14 -24.62 -25.75
C LYS B 618 32.11 -25.29 -27.12
N GLY B 619 31.81 -24.50 -28.15
CA GLY B 619 31.84 -25.00 -29.50
C GLY B 619 30.65 -25.85 -29.89
N ALA B 620 30.91 -26.96 -30.60
CA ALA B 620 29.82 -27.82 -31.05
C ALA B 620 29.15 -28.52 -29.88
N ALA B 621 29.91 -28.90 -28.85
CA ALA B 621 29.32 -29.47 -27.65
C ALA B 621 28.38 -28.50 -26.98
N PHE B 622 28.71 -27.21 -27.00
CA PHE B 622 27.81 -26.18 -26.47
C PHE B 622 26.50 -26.16 -27.23
N ASP B 623 26.57 -26.25 -28.57
CA ASP B 623 25.36 -26.17 -29.39
C ASP B 623 24.38 -27.28 -29.05
N ILE B 624 24.87 -28.48 -28.75
CA ILE B 624 23.99 -29.61 -28.45
C ILE B 624 23.27 -29.37 -27.12
N LYS B 625 24.01 -28.98 -26.09
CA LYS B 625 23.39 -28.74 -24.79
C LYS B 625 22.48 -27.51 -24.82
N LEU B 626 22.85 -26.50 -25.59
CA LEU B 626 21.99 -25.32 -25.69
C LEU B 626 20.69 -25.64 -26.38
N GLU B 627 20.76 -26.40 -27.49
CA GLU B 627 19.54 -26.83 -28.16
C GLU B 627 18.69 -27.70 -27.25
N ARG B 628 19.33 -28.46 -26.37
CA ARG B 628 18.58 -29.31 -25.44
C ARG B 628 17.80 -28.46 -24.45
N ALA B 629 18.42 -27.41 -23.92
CA ALA B 629 17.74 -26.52 -22.98
C ALA B 629 16.62 -25.74 -23.65
N THR B 630 16.84 -25.26 -24.88
CA THR B 630 15.79 -24.50 -25.56
C THR B 630 14.64 -25.41 -25.98
N ASN B 631 14.97 -26.66 -26.33
CA ASN B 631 13.94 -27.62 -26.68
C ASN B 631 13.02 -27.91 -25.51
N PHE B 632 13.56 -27.89 -24.29
CA PHE B 632 12.73 -28.09 -23.11
C PHE B 632 11.79 -26.91 -22.91
N ILE B 633 12.30 -25.69 -23.06
CA ILE B 633 11.47 -24.50 -22.85
C ILE B 633 10.31 -24.48 -23.84
N GLU B 634 10.60 -24.78 -25.11
CA GLU B 634 9.54 -24.74 -26.12
C GLU B 634 8.53 -25.85 -25.91
N THR B 635 8.98 -27.04 -25.52
CA THR B 635 8.06 -28.16 -25.32
C THR B 635 7.26 -27.98 -24.03
N GLU B 636 7.90 -27.48 -22.97
CA GLU B 636 7.20 -27.34 -21.70
C GLU B 636 6.16 -26.23 -21.75
N VAL B 637 6.44 -25.15 -22.48
CA VAL B 637 5.44 -24.10 -22.66
C VAL B 637 4.16 -24.68 -23.25
N ARG B 638 4.30 -25.50 -24.30
CA ARG B 638 3.14 -26.13 -24.90
C ARG B 638 2.46 -27.09 -23.93
N ASN B 639 3.24 -27.78 -23.10
CA ASN B 639 2.65 -28.60 -22.06
C ASN B 639 1.87 -27.74 -21.06
N VAL B 640 2.46 -26.59 -20.68
CA VAL B 640 1.77 -25.66 -19.79
C VAL B 640 0.51 -25.12 -20.43
N VAL B 641 0.58 -24.76 -21.71
CA VAL B 641 -0.60 -24.25 -22.42
C VAL B 641 -1.71 -25.28 -22.41
N SER B 642 -1.35 -26.57 -22.59
CA SER B 642 -2.38 -27.60 -22.61
C SER B 642 -3.01 -27.80 -21.23
N SER B 643 -2.19 -27.72 -20.17
CA SER B 643 -2.75 -27.84 -18.82
C SER B 643 -3.67 -26.68 -18.50
N ILE B 644 -3.28 -25.47 -18.91
CA ILE B 644 -4.16 -24.32 -18.70
C ILE B 644 -5.46 -24.50 -19.48
N ASP B 645 -5.36 -24.99 -20.72
CA ASP B 645 -6.56 -25.22 -21.52
C ASP B 645 -7.48 -26.25 -20.86
N GLU B 646 -6.91 -27.30 -20.26
CA GLU B 646 -7.75 -28.28 -19.59
C GLU B 646 -8.42 -27.68 -18.37
N ILE B 647 -7.69 -26.88 -17.60
CA ILE B 647 -8.27 -26.18 -16.46
C ILE B 647 -9.38 -25.24 -16.92
N MET B 648 -9.09 -24.42 -17.93
CA MET B 648 -10.10 -23.49 -18.43
C MET B 648 -11.36 -24.24 -18.89
N GLN B 649 -11.18 -25.44 -19.44
CA GLN B 649 -12.34 -26.23 -19.82
C GLN B 649 -13.19 -26.59 -18.61
N GLY B 650 -12.55 -27.16 -17.58
CA GLY B 650 -13.28 -27.52 -16.38
C GLY B 650 -13.97 -26.34 -15.72
N ILE B 651 -13.35 -25.16 -15.79
CA ILE B 651 -13.96 -23.96 -15.24
C ILE B 651 -15.25 -23.63 -15.98
N LYS B 652 -15.23 -23.72 -17.31
CA LYS B 652 -16.43 -23.44 -18.08
C LYS B 652 -17.51 -24.48 -17.83
N GLY B 653 -17.11 -25.73 -17.63
CA GLY B 653 -18.06 -26.82 -17.47
C GLY B 653 -18.72 -26.85 -16.11
N GLY B 654 -17.93 -26.71 -15.06
CA GLY B 654 -18.41 -26.76 -13.70
C GLY B 654 -17.73 -27.85 -12.90
N ASP B 655 -18.20 -28.02 -11.66
CA ASP B 655 -17.64 -28.98 -10.73
C ASP B 655 -18.45 -30.27 -10.64
N ASN B 656 -19.18 -30.61 -11.71
CA ASN B 656 -19.99 -31.82 -11.72
C ASN B 656 -19.72 -32.68 -12.96
N ASN B 657 -18.56 -32.49 -13.60
CA ASN B 657 -18.23 -33.28 -14.79
C ASN B 657 -17.50 -34.57 -14.45
N GLY B 658 -16.89 -34.66 -13.28
CA GLY B 658 -16.30 -35.89 -12.81
C GLY B 658 -14.79 -35.98 -12.89
N VAL B 659 -14.10 -34.92 -13.28
CA VAL B 659 -12.65 -34.99 -13.37
C VAL B 659 -12.01 -33.90 -12.54
N LEU B 660 -12.38 -32.64 -12.80
CA LEU B 660 -11.81 -31.50 -12.10
C LEU B 660 -12.85 -30.80 -11.25
N VAL B 661 -12.45 -30.39 -10.05
CA VAL B 661 -13.24 -29.53 -9.18
C VAL B 661 -12.39 -28.32 -8.85
N THR B 662 -12.87 -27.14 -9.27
CA THR B 662 -12.11 -25.90 -9.09
C THR B 662 -12.75 -24.93 -8.10
N GLY B 663 -14.05 -25.07 -7.81
CA GLY B 663 -14.71 -24.17 -6.89
C GLY B 663 -14.75 -22.73 -7.35
N THR B 664 -14.71 -22.49 -8.66
CA THR B 664 -14.63 -21.15 -9.21
C THR B 664 -15.99 -20.62 -9.67
N ARG B 665 -17.07 -21.15 -9.10
CA ARG B 665 -18.40 -20.78 -9.56
C ARG B 665 -18.67 -19.29 -9.37
N LEU B 666 -18.18 -18.70 -8.28
CA LEU B 666 -18.41 -17.29 -8.04
C LEU B 666 -17.41 -16.38 -8.75
N VAL B 667 -16.27 -16.92 -9.20
CA VAL B 667 -15.24 -16.10 -9.82
C VAL B 667 -14.89 -16.66 -11.18
N GLN B 668 -15.89 -17.20 -11.88
CA GLN B 668 -15.65 -17.91 -13.13
C GLN B 668 -14.96 -17.01 -14.16
N GLU B 669 -15.48 -15.79 -14.36
CA GLU B 669 -14.88 -14.89 -15.34
C GLU B 669 -13.44 -14.54 -14.94
N LEU B 670 -13.24 -14.17 -13.68
CA LEU B 670 -11.89 -13.80 -13.23
C LEU B 670 -10.91 -14.96 -13.37
N SER B 671 -11.36 -16.18 -13.06
CA SER B 671 -10.45 -17.33 -13.13
C SER B 671 -10.02 -17.61 -14.56
N LEU B 672 -10.98 -17.65 -15.49
CA LEU B 672 -10.62 -17.82 -16.90
C LEU B 672 -9.74 -16.67 -17.38
N GLU B 673 -10.00 -15.46 -16.90
CA GLU B 673 -9.16 -14.33 -17.25
C GLU B 673 -7.74 -14.52 -16.70
N TYR B 674 -7.64 -15.00 -15.45
CA TYR B 674 -6.33 -15.29 -14.87
C TYR B 674 -5.55 -16.29 -15.72
N TYR B 675 -6.14 -17.46 -15.99
CA TYR B 675 -5.44 -18.48 -16.75
C TYR B 675 -5.16 -18.03 -18.18
N CYS B 676 -6.00 -17.15 -18.72
CA CYS B 676 -5.73 -16.57 -20.03
C CYS B 676 -4.45 -15.74 -20.01
N LYS B 677 -4.31 -14.89 -18.99
CA LYS B 677 -3.07 -14.13 -18.85
C LYS B 677 -1.90 -15.05 -18.56
N LEU B 678 -2.14 -16.12 -17.80
CA LEU B 678 -1.12 -17.13 -17.56
C LEU B 678 -0.72 -17.81 -18.85
N LYS B 679 -1.67 -18.02 -19.76
CA LYS B 679 -1.33 -18.58 -21.07
C LYS B 679 -0.55 -17.57 -21.90
N HIS B 680 -0.90 -16.28 -21.81
CA HIS B 680 -0.16 -15.25 -22.54
C HIS B 680 1.30 -15.21 -22.09
N THR B 681 1.54 -15.32 -20.78
CA THR B 681 2.91 -15.26 -20.28
C THR B 681 3.70 -16.48 -20.71
N SER B 682 3.06 -17.65 -20.72
CA SER B 682 3.74 -18.88 -21.11
C SER B 682 4.24 -18.81 -22.56
N LYS B 683 3.38 -18.37 -23.47
CA LYS B 683 3.80 -18.25 -24.87
C LYS B 683 4.90 -17.20 -25.02
N ALA B 684 4.88 -16.17 -24.18
CA ALA B 684 5.91 -15.14 -24.23
C ALA B 684 7.27 -15.70 -23.82
N LEU B 685 7.28 -16.65 -22.88
CA LEU B 685 8.54 -17.25 -22.45
C LEU B 685 9.16 -18.07 -23.58
N SER B 686 8.33 -18.77 -24.35
CA SER B 686 8.82 -19.52 -25.49
C SER B 686 9.35 -18.60 -26.58
N VAL B 687 8.62 -17.51 -26.86
CA VAL B 687 9.06 -16.58 -27.88
C VAL B 687 10.35 -15.88 -27.45
N ASN B 688 10.44 -15.50 -26.17
CA ASN B 688 11.65 -14.86 -25.68
C ASN B 688 12.85 -15.79 -25.75
N SER B 689 12.65 -17.08 -25.43
CA SER B 689 13.75 -18.03 -25.46
C SER B 689 14.36 -18.12 -26.85
N LYS B 690 13.54 -18.07 -27.90
CA LYS B 690 14.07 -18.16 -29.25
C LYS B 690 14.78 -16.87 -29.65
N VAL B 691 14.26 -15.72 -29.20
CA VAL B 691 14.93 -14.46 -29.53
C VAL B 691 16.29 -14.39 -28.86
N ILE B 692 16.39 -14.86 -27.63
CA ILE B 692 17.66 -14.83 -26.90
C ILE B 692 18.71 -15.66 -27.62
N VAL B 693 18.30 -16.80 -28.18
CA VAL B 693 19.26 -17.69 -28.81
C VAL B 693 19.75 -17.13 -30.14
N ASN B 694 18.82 -16.67 -30.99
CA ASN B 694 19.22 -16.13 -32.28
C ASN B 694 20.06 -14.87 -32.12
N THR B 695 19.89 -14.16 -31.00
CA THR B 695 20.67 -12.95 -30.78
C THR B 695 22.08 -13.27 -30.28
N LEU B 696 22.17 -14.14 -29.26
CA LEU B 696 23.48 -14.41 -28.67
C LEU B 696 24.38 -15.19 -29.61
N LYS B 697 23.83 -16.12 -30.38
CA LYS B 697 24.65 -16.85 -31.33
C LYS B 697 25.26 -15.92 -32.36
N LYS B 698 24.46 -14.99 -32.90
CA LYS B 698 24.99 -14.00 -33.83
C LYS B 698 25.96 -13.05 -33.15
N ASN B 699 25.68 -12.68 -31.89
CA ASN B 699 26.56 -11.76 -31.17
C ASN B 699 27.92 -12.37 -30.92
N ILE B 700 27.97 -13.67 -30.61
CA ILE B 700 29.25 -14.35 -30.39
C ILE B 700 30.05 -14.40 -31.70
N LYS B 701 29.37 -14.68 -32.81
CA LYS B 701 30.05 -14.72 -34.10
C LYS B 701 30.68 -13.37 -34.42
N ASN B 702 29.95 -12.29 -34.21
CA ASN B 702 30.48 -10.94 -34.44
C ASN B 702 31.57 -10.64 -33.42
N LYS B 703 32.73 -10.17 -33.89
CA LYS B 703 33.80 -9.82 -32.96
C LYS B 703 33.44 -8.57 -32.17
N ASP B 704 32.74 -7.64 -32.81
CA ASP B 704 32.15 -6.51 -32.11
C ASP B 704 30.80 -6.97 -31.58
N SER B 705 30.69 -7.13 -30.27
CA SER B 705 29.51 -7.69 -29.63
C SER B 705 28.88 -6.65 -28.73
N HIS B 706 27.56 -6.51 -28.83
CA HIS B 706 26.82 -5.60 -27.97
C HIS B 706 26.93 -6.04 -26.52
N GLU B 707 26.88 -5.05 -25.62
CA GLU B 707 26.89 -5.30 -24.18
C GLU B 707 25.43 -5.37 -23.73
N TYR B 708 24.96 -6.56 -23.39
CA TYR B 708 23.58 -6.78 -23.04
C TYR B 708 23.40 -6.83 -21.52
N LYS B 709 22.17 -6.56 -21.10
CA LYS B 709 21.77 -6.74 -19.70
C LYS B 709 20.39 -7.38 -19.69
N VAL B 710 20.02 -7.94 -18.55
CA VAL B 710 18.76 -8.65 -18.39
C VAL B 710 17.85 -7.82 -17.50
N GLU B 711 16.58 -7.70 -17.91
CA GLU B 711 15.56 -7.02 -17.13
C GLU B 711 14.34 -7.92 -17.01
N LEU B 712 13.67 -7.84 -15.87
CA LEU B 712 12.45 -8.61 -15.61
C LEU B 712 11.27 -7.80 -16.13
N VAL B 713 10.83 -8.12 -17.33
CA VAL B 713 9.80 -7.35 -18.02
C VAL B 713 8.44 -8.02 -17.80
N HIS B 714 7.43 -7.20 -17.52
CA HIS B 714 6.08 -7.68 -17.29
C HIS B 714 5.32 -7.72 -18.61
N THR B 715 4.66 -8.85 -18.87
CA THR B 715 3.79 -8.95 -20.04
C THR B 715 2.54 -8.11 -19.80
N THR B 716 2.21 -7.28 -20.78
CA THR B 716 1.09 -6.35 -20.60
C THR B 716 -0.22 -7.09 -20.31
N GLU B 717 -0.41 -8.27 -20.90
CA GLU B 717 -1.63 -9.04 -20.69
C GLU B 717 -1.32 -10.44 -20.17
N GLY B 718 -0.23 -10.59 -19.42
CA GLY B 718 0.16 -11.85 -18.83
C GLY B 718 0.20 -11.77 -17.32
N TRP B 719 0.60 -12.88 -16.71
CA TRP B 719 0.70 -12.96 -15.26
C TRP B 719 2.13 -12.62 -14.84
N ASN B 720 2.28 -11.56 -14.08
CA ASN B 720 3.60 -11.03 -13.77
C ASN B 720 4.29 -11.75 -12.63
N TYR B 721 3.71 -12.83 -12.10
CA TYR B 721 4.47 -13.70 -11.21
C TYR B 721 5.66 -14.33 -11.93
N PHE B 722 5.57 -14.43 -13.27
CA PHE B 722 6.61 -15.01 -14.10
C PHE B 722 6.99 -13.98 -15.17
N PRO B 723 7.81 -13.00 -14.81
CA PRO B 723 8.21 -11.98 -15.80
C PRO B 723 9.13 -12.58 -16.85
N ILE B 724 9.35 -11.82 -17.91
CA ILE B 724 10.14 -12.26 -19.05
C ILE B 724 11.55 -11.71 -18.90
N GLN B 725 12.52 -12.60 -18.74
CA GLN B 725 13.92 -12.20 -18.63
C GLN B 725 14.38 -11.76 -20.02
N THR B 726 14.41 -10.45 -20.25
CA THR B 726 14.60 -9.88 -21.59
C THR B 726 15.96 -9.23 -21.72
N LEU B 727 16.62 -9.49 -22.85
CA LEU B 727 17.89 -8.84 -23.16
C LEU B 727 17.65 -7.41 -23.60
N ARG B 728 18.59 -6.53 -23.26
CA ARG B 728 18.53 -5.14 -23.70
C ARG B 728 19.96 -4.60 -23.77
N ILE B 729 20.21 -3.79 -24.80
CA ILE B 729 21.50 -3.17 -24.99
C ILE B 729 21.67 -2.02 -24.00
N LYS B 730 22.89 -1.86 -23.47
CA LYS B 730 23.14 -0.82 -22.48
C LYS B 730 23.22 0.57 -23.11
N GLN B 731 24.04 0.71 -24.16
CA GLN B 731 24.24 1.99 -24.87
C GLN B 731 24.72 3.02 -23.83
N ASP B 732 24.22 4.24 -23.87
CA ASP B 732 24.64 5.27 -22.90
C ASP B 732 23.43 5.91 -22.21
N LYS C 5 16.55 28.52 34.57
CA LYS C 5 17.33 28.45 33.35
C LYS C 5 16.43 28.30 32.13
N LEU C 6 17.05 28.03 30.98
CA LEU C 6 16.25 27.68 29.81
C LEU C 6 15.53 26.36 30.01
N SER C 7 16.02 25.52 30.93
CA SER C 7 15.41 24.21 31.17
C SER C 7 14.00 24.35 31.71
N ASP C 8 13.83 25.14 32.77
CA ASP C 8 12.54 25.26 33.44
C ASP C 8 11.45 25.76 32.50
N PHE C 9 11.82 26.54 31.48
CA PHE C 9 10.83 27.03 30.51
C PHE C 9 10.18 25.89 29.74
N ILE C 10 10.89 24.77 29.56
CA ILE C 10 10.37 23.66 28.78
C ILE C 10 9.10 23.12 29.42
N GLY C 11 8.06 22.92 28.60
CA GLY C 11 6.80 22.44 29.10
C GLY C 11 5.86 23.51 29.60
N ASN C 12 6.22 24.78 29.45
CA ASN C 12 5.40 25.89 29.93
C ASN C 12 4.92 26.72 28.74
N THR C 13 3.65 27.09 28.76
CA THR C 13 3.05 27.81 27.64
C THR C 13 3.74 29.13 27.39
N LEU C 14 3.98 29.43 26.11
CA LEU C 14 4.62 30.67 25.69
C LEU C 14 3.84 31.26 24.53
N ILE C 15 4.05 32.56 24.29
CA ILE C 15 3.41 33.29 23.21
C ILE C 15 4.50 33.79 22.27
N VAL C 16 4.38 33.45 20.99
CA VAL C 16 5.38 33.76 19.98
C VAL C 16 4.76 34.64 18.91
N SER C 17 5.37 35.79 18.67
CA SER C 17 4.90 36.75 17.68
C SER C 17 5.76 36.65 16.43
N LEU C 18 5.14 36.42 15.28
CA LEU C 18 5.86 36.31 14.03
C LEU C 18 5.95 37.68 13.36
N THR C 19 6.55 37.72 12.17
CA THR C 19 6.70 38.99 11.46
C THR C 19 5.34 39.53 11.00
N GLU C 20 4.46 38.64 10.56
CA GLU C 20 3.13 39.03 10.10
C GLU C 20 2.18 39.18 11.29
N ASP C 21 0.89 39.31 10.99
CA ASP C 21 -0.10 39.53 12.05
C ASP C 21 -0.28 38.30 12.93
N ARG C 22 -0.04 37.11 12.40
CA ARG C 22 -0.37 35.90 13.14
C ARG C 22 0.55 35.71 14.34
N ILE C 23 -0.04 35.20 15.42
CA ILE C 23 0.67 34.94 16.67
C ILE C 23 0.45 33.48 17.04
N LEU C 24 1.50 32.82 17.51
CA LEU C 24 1.45 31.40 17.84
C LEU C 24 1.43 31.23 19.36
N VAL C 25 0.45 30.48 19.85
CA VAL C 25 0.34 30.15 21.26
C VAL C 25 0.55 28.65 21.39
N GLY C 26 1.60 28.27 22.13
CA GLY C 26 1.90 26.85 22.29
C GLY C 26 2.82 26.64 23.48
N SER C 27 3.11 25.36 23.73
CA SER C 27 3.96 24.95 24.84
C SER C 27 5.35 24.62 24.30
N LEU C 28 6.37 25.26 24.84
CA LEU C 28 7.73 25.05 24.37
C LEU C 28 8.17 23.62 24.64
N VAL C 29 8.46 22.88 23.57
CA VAL C 29 8.95 21.51 23.72
C VAL C 29 10.46 21.47 23.80
N ALA C 30 11.14 22.24 22.95
CA ALA C 30 12.59 22.22 22.90
C ALA C 30 13.12 23.53 22.33
N VAL C 31 14.40 23.78 22.55
CA VAL C 31 15.10 24.97 22.07
C VAL C 31 16.52 24.56 21.71
N ASP C 32 17.01 25.01 20.56
CA ASP C 32 18.38 24.74 20.14
C ASP C 32 19.27 25.96 20.33
N ALA C 33 20.56 25.79 20.03
CA ALA C 33 21.55 26.83 20.24
C ALA C 33 21.28 28.09 19.42
N GLN C 34 20.57 27.96 18.29
CA GLN C 34 20.23 29.10 17.48
C GLN C 34 18.88 29.70 17.84
N MET C 35 18.33 29.32 19.00
CA MET C 35 17.04 29.77 19.52
C MET C 35 15.87 29.40 18.61
N ASN C 36 16.03 28.35 17.79
CA ASN C 36 14.89 27.78 17.09
C ASN C 36 13.99 27.05 18.09
N LEU C 37 12.69 27.33 18.04
CA LEU C 37 11.74 26.84 19.03
C LEU C 37 10.92 25.68 18.47
N LEU C 38 10.61 24.72 19.34
CA LEU C 38 9.68 23.64 19.02
C LEU C 38 8.52 23.75 20.01
N LEU C 39 7.32 23.97 19.49
CA LEU C 39 6.13 24.20 20.31
C LEU C 39 5.07 23.17 19.97
N ASP C 40 4.44 22.62 21.01
CA ASP C 40 3.35 21.67 20.84
C ASP C 40 2.02 22.33 21.21
N HIS C 41 0.94 21.76 20.68
CA HIS C 41 -0.41 22.28 20.87
C HIS C 41 -0.48 23.75 20.47
N VAL C 42 0.06 24.05 19.29
CA VAL C 42 0.18 25.42 18.81
C VAL C 42 -1.18 25.93 18.34
N GLU C 43 -1.57 27.09 18.84
CA GLU C 43 -2.77 27.79 18.39
C GLU C 43 -2.35 29.03 17.64
N GLU C 44 -2.77 29.16 16.39
CA GLU C 44 -2.44 30.30 15.55
C GLU C 44 -3.58 31.30 15.55
N ARG C 45 -3.28 32.56 15.84
CA ARG C 45 -4.27 33.61 15.93
C ARG C 45 -3.93 34.72 14.94
N MET C 46 -4.79 34.91 13.95
CA MET C 46 -4.64 35.96 12.95
C MET C 46 -5.76 36.97 13.17
N GLY C 47 -5.46 38.04 13.91
CA GLY C 47 -6.47 39.03 14.21
C GLY C 47 -7.65 38.45 14.95
N SER C 48 -8.79 38.34 14.26
CA SER C 48 -9.97 37.75 14.89
C SER C 48 -9.98 36.23 14.79
N SER C 49 -9.34 35.67 13.76
CA SER C 49 -9.38 34.24 13.53
C SER C 49 -8.37 33.51 14.40
N SER C 50 -8.72 32.27 14.77
CA SER C 50 -7.86 31.42 15.58
C SER C 50 -8.02 29.97 15.12
N ARG C 51 -6.93 29.20 15.21
CA ARG C 51 -6.95 27.81 14.76
C ARG C 51 -5.80 27.06 15.40
N MET C 52 -5.93 25.74 15.43
CA MET C 52 -4.91 24.85 15.97
C MET C 52 -4.00 24.35 14.85
N MET C 53 -2.74 24.07 15.20
CA MET C 53 -1.78 23.55 14.23
C MET C 53 -0.92 22.40 14.75
N GLY C 54 -0.96 22.09 16.04
CA GLY C 54 -0.24 20.93 16.55
C GLY C 54 1.20 21.26 16.90
N LEU C 55 2.13 20.41 16.45
CA LEU C 55 3.54 20.57 16.74
C LEU C 55 4.19 21.40 15.64
N VAL C 56 4.73 22.55 16.00
CA VAL C 56 5.33 23.48 15.05
C VAL C 56 6.72 23.89 15.54
N SER C 57 7.65 24.02 14.59
CA SER C 57 8.97 24.56 14.88
C SER C 57 9.11 25.90 14.17
N VAL C 58 9.61 26.91 14.88
CA VAL C 58 9.73 28.26 14.35
C VAL C 58 11.21 28.62 14.29
N PRO C 59 11.72 29.02 13.12
CA PRO C 59 13.11 29.47 13.03
C PRO C 59 13.31 30.79 13.75
N ARG C 60 14.57 31.08 14.07
CA ARG C 60 14.90 32.33 14.75
C ARG C 60 14.45 33.55 13.95
N ARG C 61 14.68 33.53 12.64
CA ARG C 61 14.34 34.68 11.81
C ARG C 61 12.84 34.94 11.74
N SER C 62 12.03 33.92 12.02
CA SER C 62 10.58 34.10 12.01
C SER C 62 10.05 34.69 13.32
N VAL C 63 10.84 34.63 14.39
CA VAL C 63 10.39 35.10 15.70
C VAL C 63 10.63 36.60 15.79
N LYS C 64 9.55 37.36 16.01
CA LYS C 64 9.61 38.80 16.24
C LYS C 64 9.57 39.16 17.71
N THR C 65 8.71 38.49 18.49
CA THR C 65 8.62 38.73 19.93
C THR C 65 8.25 37.42 20.62
N ILE C 66 8.85 37.19 21.79
CA ILE C 66 8.53 36.04 22.63
C ILE C 66 7.98 36.56 23.94
N MET C 67 6.67 36.42 24.13
CA MET C 67 6.01 36.89 25.34
C MET C 67 5.57 35.69 26.18
N ILE C 68 5.64 35.85 27.50
CA ILE C 68 5.12 34.87 28.43
C ILE C 68 4.17 35.58 29.39
N ASP C 69 3.15 34.87 29.84
CA ASP C 69 2.24 35.42 30.84
C ASP C 69 3.00 35.66 32.14
N LYS C 70 2.95 36.90 32.63
CA LYS C 70 3.73 37.25 33.81
C LYS C 70 3.42 36.37 35.02
N PRO C 71 2.16 36.03 35.34
CA PRO C 71 1.93 35.04 36.40
C PRO C 71 2.66 33.72 36.18
N VAL C 72 2.50 33.12 35.00
CA VAL C 72 3.18 31.85 34.70
C VAL C 72 4.69 32.04 34.75
N LEU C 73 5.18 33.21 34.35
CA LEU C 73 6.61 33.49 34.45
C LEU C 73 7.06 33.45 35.91
N GLN C 74 6.32 34.10 36.80
CA GLN C 74 6.69 34.10 38.21
C GLN C 74 6.39 32.76 38.88
N GLU C 75 5.41 32.02 38.35
CA GLU C 75 5.08 30.70 38.90
C GLU C 75 6.24 29.73 38.78
N MET D 1 15.42 8.22 1.08
CA MET D 1 14.77 9.46 1.48
C MET D 1 13.77 9.22 2.61
N LEU D 2 14.03 9.80 3.77
CA LEU D 2 13.09 9.70 4.89
C LEU D 2 11.77 10.35 4.51
N ARG D 3 10.67 9.71 4.89
CA ARG D 3 9.35 10.24 4.59
C ARG D 3 8.83 11.03 5.78
N PHE D 4 8.14 12.13 5.49
CA PHE D 4 7.47 12.91 6.53
C PHE D 4 6.17 12.22 6.93
N VAL D 5 5.90 12.19 8.23
CA VAL D 5 4.67 11.62 8.76
C VAL D 5 4.20 12.52 9.89
N GLY D 6 2.89 12.75 9.97
CA GLY D 6 2.32 13.63 10.98
C GLY D 6 2.42 13.07 12.39
N1A COA E . 20.85 6.68 -13.71
C2A COA E . 21.20 5.44 -13.29
N3A COA E . 22.13 5.29 -12.29
C4A COA E . 22.69 6.36 -11.72
C5A COA E . 22.35 7.59 -12.13
C6A COA E . 21.41 7.73 -13.15
N6A COA E . 20.69 8.76 -13.94
N7A COA E . 23.05 8.50 -11.41
C8A COA E . 23.83 7.84 -10.55
N9A COA E . 23.61 6.53 -10.76
C1B COA E . 24.03 5.38 -10.26
C2B COA E . 24.97 4.62 -11.20
O2B COA E . 24.79 3.18 -11.00
C3B COA E . 26.21 4.99 -10.86
O3B COA E . 27.14 3.93 -11.11
P3B COA E . 28.28 4.17 -12.26
O7A COA E . 29.19 5.31 -11.82
O8A COA E . 29.10 2.91 -12.43
O9A COA E . 27.62 4.52 -13.57
C4B COA E . 26.14 5.32 -9.25
O4B COA E . 24.91 5.68 -8.97
C5B COA E . 27.11 6.45 -8.92
O5B COA E . 26.65 7.68 -9.52
P1A COA E . 27.01 9.16 -8.77
O1A COA E . 27.77 10.04 -9.76
O2A COA E . 27.82 8.92 -7.54
O3A COA E . 25.61 9.92 -8.34
P2A COA E . 25.44 11.57 -8.39
O4A COA E . 26.66 12.23 -7.79
O5A COA E . 25.24 11.99 -9.82
O6A COA E . 24.08 11.95 -7.51
CBP COA E . 21.76 11.55 -6.84
CCP COA E . 22.99 11.13 -7.73
CDP COA E . 20.76 10.33 -6.84
CEP COA E . 22.23 11.82 -5.38
CAP COA E . 21.12 12.84 -7.44
OAP COA E . 20.66 12.60 -8.70
C9P COA E . 19.96 13.34 -6.57
O9P COA E . 20.13 14.24 -5.81
N8P COA E . 18.66 12.71 -6.70
C7P COA E . 17.52 13.14 -5.88
C6P COA E . 17.75 12.71 -4.42
C5P COA E . 17.87 11.22 -4.30
O5P COA E . 18.09 10.56 -5.26
N4P COA E . 17.75 10.55 -2.98
C3P COA E . 17.88 9.06 -2.88
C2P COA E . 17.14 8.53 -1.61
S1P COA E . 18.22 8.65 -0.14
CL CL F . 36.53 11.38 5.37
I IOD G . 6.37 -6.60 0.12
I IOD H . 20.99 -7.29 -12.01
I IOD I . -12.70 27.00 7.12
I IOD J . -3.96 16.83 3.19
I IOD K . 0.88 -22.68 18.45
I IOD L . -16.79 13.79 8.17
I IOD M . 18.92 -23.67 -30.10
I IOD N . 1.23 -35.93 12.67
CL CL O . -6.52 -31.54 17.88
CL CL P . -14.49 -30.07 -2.19
CL CL Q . -2.33 -18.95 -0.09
CL CL R . -9.54 -25.68 1.53
CL CL S . 28.01 -9.39 -4.02
C1 EDO T . -0.30 -21.09 -10.82
O1 EDO T . -1.46 -21.11 -11.65
C2 EDO T . 0.93 -20.80 -11.67
O2 EDO T . 2.06 -20.61 -10.81
C1 EDO U . -13.28 -31.00 -17.92
O1 EDO U . -13.08 -31.93 -16.85
C2 EDO U . -14.76 -30.71 -18.05
O2 EDO U . -15.03 -30.13 -19.34
C1 EDO V . 14.98 -16.41 14.86
O1 EDO V . 13.90 -17.04 14.15
C2 EDO V . 15.69 -15.42 13.94
O2 EDO V . 16.84 -14.89 14.61
C1 EDO W . -13.04 26.68 -8.33
O1 EDO W . -14.17 26.75 -7.45
C2 EDO W . -13.51 26.35 -9.74
O2 EDO W . -14.26 25.12 -9.72
C1 EDO X . 2.56 -28.93 -17.26
O1 EDO X . 2.00 -29.23 -15.97
C2 EDO X . 3.57 -30.00 -17.63
O2 EDO X . 2.93 -31.30 -17.58
I IOD Y . -3.32 20.44 18.75
I IOD Z . 19.55 25.64 30.36
#